data_3TI4
#
_entry.id   3TI4
#
_cell.length_a   118.664
_cell.length_b   137.102
_cell.length_c   118.571
_cell.angle_alpha   90.00
_cell.angle_beta   90.00
_cell.angle_gamma   90.00
#
_symmetry.space_group_name_H-M   'C 2 2 21'
#
loop_
_entity.id
_entity.type
_entity.pdbx_description
1 polymer Neuraminidase
2 branched alpha-D-mannopyranose-(1-3)-beta-D-mannopyranose-(1-4)-2-acetamido-2-deoxy-beta-D-glucopyranose-(1-4)-2-acetamido-2-deoxy-beta-D-glucopyranose
3 non-polymer 2-acetamido-2-deoxy-beta-D-glucopyranose
4 non-polymer 'CALCIUM ION'
5 non-polymer '5-acetamido-2,6-anhydro-4-carbamimidamido-3,4,5-trideoxy-7-O-methyl-9-O-octanoyl-D-glycero-D-galacto-non-2-enonic acid'
6 non-polymer 'ACETATE ION'
7 non-polymer GLYCEROL
8 water water
#
_entity_poly.entity_id   1
_entity_poly.type   'polypeptide(L)'
_entity_poly.pdbx_seq_one_letter_code
;SVKLAGNSSLCPVSGWAIYSKDNSVRIGSKGDVFVIREPFISCSPLECRTFFLTQGALLNDKHSNGTIKDRSPYRTLMSC
PIGEVPSPYNSRFESVAWSASACHDGINWLTIGISGPDNGAVAVLKYNGIITDTIKSWRNNILRTQESECACVNGSCFTV
MTDGPSNGQASYKIFRIEKGKIVKSVEMNAPNYHYEECSCYPDSSEITCVCRDNWHGSNRPWVSFNQNLEYQIGYICSGI
FGDNPRPNDKTGSCGPVSSNGANGVKGFSFKYGNGVWIGRTKSISSRNGFEMIWDPNGWTGTDNNFSIKQDIVGINEWSG
YSGSFVQHPELTGLDCIRPCFWVELIRGRPKENTIWTSGSSISFCGVNSDTVGWSWPDGAELPFTIDK
;
_entity_poly.pdbx_strand_id   A,B
#
loop_
_chem_comp.id
_chem_comp.type
_chem_comp.name
_chem_comp.formula
ACT non-polymer 'ACETATE ION' 'C2 H3 O2 -1'
BMA D-saccharide, beta linking beta-D-mannopyranose 'C6 H12 O6'
CA non-polymer 'CALCIUM ION' 'Ca 2'
GOL non-polymer GLYCEROL 'C3 H8 O3'
LVO D-saccharide '5-acetamido-2,6-anhydro-4-carbamimidamido-3,4,5-trideoxy-7-O-methyl-9-O-octanoyl-D-glycero-D-galacto-non-2-enonic acid' 'C21 H36 N4 O8'
MAN D-saccharide, alpha linking alpha-D-mannopyranose 'C6 H12 O6'
NAG D-saccharide, beta linking 2-acetamido-2-deoxy-beta-D-glucopyranose 'C8 H15 N O6'
#
# COMPACT_ATOMS: atom_id res chain seq x y z
N SER A 1 2.04 5.13 -25.74
CA SER A 1 3.02 4.53 -24.85
C SER A 1 3.67 3.33 -25.53
N VAL A 2 4.98 3.16 -25.35
CA VAL A 2 5.70 2.03 -25.96
C VAL A 2 6.64 1.35 -24.96
N LYS A 3 6.72 0.03 -25.03
CA LYS A 3 7.65 -0.72 -24.19
C LYS A 3 9.08 -0.23 -24.36
N LEU A 4 9.81 -0.17 -23.25
CA LEU A 4 11.24 0.09 -23.31
C LEU A 4 11.92 -1.08 -24.00
N ALA A 5 12.79 -0.79 -24.96
CA ALA A 5 13.48 -1.83 -25.72
C ALA A 5 14.50 -2.57 -24.85
N GLY A 6 15.35 -1.81 -24.16
CA GLY A 6 16.35 -2.37 -23.28
C GLY A 6 17.43 -3.14 -24.01
N ASN A 7 17.60 -2.85 -25.30
CA ASN A 7 18.53 -3.63 -26.12
C ASN A 7 19.86 -2.95 -26.45
N SER A 8 19.99 -1.67 -26.10
CA SER A 8 21.26 -0.97 -26.29
C SER A 8 22.19 -1.25 -25.13
N SER A 9 23.46 -0.90 -25.29
CA SER A 9 24.45 -1.14 -24.25
C SER A 9 24.49 -0.02 -23.22
N LEU A 10 25.04 -0.33 -22.06
CA LEU A 10 25.25 0.65 -21.01
C LEU A 10 26.22 1.73 -21.51
N CYS A 11 25.87 3.00 -21.35
CA CYS A 11 26.77 4.09 -21.76
C CYS A 11 28.05 4.05 -20.92
N PRO A 12 29.21 4.01 -21.59
CA PRO A 12 30.45 4.19 -20.81
C PRO A 12 30.51 5.61 -20.27
N VAL A 13 31.02 5.78 -19.06
CA VAL A 13 31.09 7.10 -18.43
C VAL A 13 32.41 7.30 -17.70
N SER A 14 32.86 8.55 -17.63
CA SER A 14 34.14 8.86 -17.01
C SER A 14 33.99 9.50 -15.64
N GLY A 15 32.76 9.88 -15.30
CA GLY A 15 32.53 10.60 -14.07
C GLY A 15 31.06 10.73 -13.75
N TRP A 16 30.76 11.27 -12.57
CA TRP A 16 29.39 11.32 -12.08
C TRP A 16 28.99 12.74 -11.75
N ALA A 17 27.92 13.20 -12.41
CA ALA A 17 27.40 14.54 -12.20
C ALA A 17 26.22 14.48 -11.24
N ILE A 18 26.17 15.39 -10.28
CA ILE A 18 25.10 15.34 -9.29
C ILE A 18 23.74 15.63 -9.93
N TYR A 19 22.75 14.83 -9.55
CA TYR A 19 21.44 14.83 -10.19
C TYR A 19 20.36 15.34 -9.23
N SER A 20 20.38 14.87 -7.98
CA SER A 20 19.40 15.32 -7.01
C SER A 20 19.90 15.28 -5.57
N LYS A 21 19.25 16.07 -4.72
CA LYS A 21 19.46 16.02 -3.28
C LYS A 21 18.18 16.52 -2.63
N ASP A 22 17.62 15.73 -1.71
CA ASP A 22 16.31 16.08 -1.16
C ASP A 22 16.33 16.79 0.21
N ASN A 23 17.42 16.68 0.95
CA ASN A 23 17.53 17.34 2.25
C ASN A 23 16.39 16.97 3.21
N SER A 24 15.91 15.73 3.10
CA SER A 24 14.69 15.31 3.81
C SER A 24 14.76 15.48 5.33
N VAL A 25 15.88 15.11 5.92
CA VAL A 25 15.99 15.14 7.37
C VAL A 25 16.09 16.57 7.89
N ARG A 26 16.87 17.41 7.22
CA ARG A 26 16.95 18.82 7.55
C ARG A 26 15.56 19.46 7.50
N ILE A 27 14.82 19.17 6.44
CA ILE A 27 13.50 19.76 6.26
C ILE A 27 12.47 19.21 7.25
N GLY A 28 12.59 17.91 7.57
CA GLY A 28 11.67 17.25 8.48
C GLY A 28 11.77 17.72 9.92
N SER A 29 12.81 18.49 10.24
CA SER A 29 12.95 19.08 11.56
C SER A 29 11.74 19.97 11.85
N LYS A 30 11.17 20.58 10.82
CA LYS A 30 9.97 21.39 10.97
C LYS A 30 8.81 20.88 10.11
N GLY A 31 9.11 20.54 8.86
CA GLY A 31 8.09 20.16 7.91
C GLY A 31 7.54 18.77 8.17
N ASP A 32 6.47 18.43 7.47
CA ASP A 32 5.84 17.13 7.64
C ASP A 32 6.44 16.14 6.64
N VAL A 33 7.52 15.50 7.08
CA VAL A 33 8.29 14.60 6.24
C VAL A 33 8.26 13.20 6.85
N PHE A 34 8.00 12.19 6.03
CA PHE A 34 7.98 10.81 6.50
C PHE A 34 9.32 10.39 7.08
N VAL A 35 9.27 9.61 8.15
CA VAL A 35 10.40 8.79 8.53
C VAL A 35 10.48 7.70 7.48
N ILE A 36 11.64 7.54 6.86
CA ILE A 36 11.80 6.54 5.81
C ILE A 36 13.16 5.87 5.93
N ARG A 37 13.28 4.72 5.28
CA ARG A 37 14.59 4.16 4.96
C ARG A 37 14.42 3.36 3.67
N GLU A 38 15.53 2.84 3.16
CA GLU A 38 15.51 2.06 1.93
C GLU A 38 14.87 2.82 0.75
N PRO A 39 15.36 4.05 0.49
CA PRO A 39 14.86 4.77 -0.67
C PRO A 39 15.51 4.22 -1.93
N PHE A 40 14.88 4.44 -3.07
CA PHE A 40 15.53 4.16 -4.35
C PHE A 40 14.89 4.99 -5.44
N ILE A 41 15.58 5.14 -6.56
CA ILE A 41 14.97 5.88 -7.62
CA ILE A 41 15.07 5.90 -7.68
C ILE A 41 14.75 4.99 -8.87
N SER A 42 13.70 5.31 -9.61
CA SER A 42 13.36 4.58 -10.83
C SER A 42 12.65 5.53 -11.77
N CYS A 43 12.85 5.35 -13.07
CA CYS A 43 12.30 6.28 -14.05
C CYS A 43 11.34 5.62 -15.02
N SER A 44 10.42 6.43 -15.54
CA SER A 44 9.57 6.01 -16.65
C SER A 44 10.13 6.65 -17.92
N PRO A 45 9.39 6.55 -19.03
CA PRO A 45 9.83 7.29 -20.22
C PRO A 45 9.64 8.80 -20.06
N LEU A 46 8.96 9.22 -19.00
CA LEU A 46 8.60 10.63 -18.83
C LEU A 46 9.20 11.30 -17.59
N GLU A 47 9.39 10.54 -16.52
CA GLU A 47 9.88 11.13 -15.27
C GLU A 47 10.64 10.15 -14.38
N CYS A 48 11.36 10.69 -13.41
CA CYS A 48 12.04 9.87 -12.42
C CYS A 48 11.43 10.11 -11.05
N ARG A 49 11.25 9.02 -10.31
CA ARG A 49 10.61 9.10 -9.00
C ARG A 49 11.50 8.49 -7.92
N THR A 50 11.36 9.00 -6.70
CA THR A 50 12.00 8.37 -5.55
C THR A 50 10.96 7.50 -4.85
N PHE A 51 11.28 6.22 -4.71
CA PHE A 51 10.46 5.30 -3.94
C PHE A 51 11.11 5.14 -2.57
N PHE A 52 10.31 4.79 -1.57
CA PHE A 52 10.84 4.70 -0.22
C PHE A 52 9.90 3.91 0.68
N LEU A 53 10.45 3.31 1.73
CA LEU A 53 9.65 2.62 2.72
C LEU A 53 9.43 3.53 3.91
N THR A 54 8.20 4.02 4.08
CA THR A 54 7.90 4.84 5.24
C THR A 54 7.85 3.96 6.48
N GLN A 55 7.83 4.60 7.63
CA GLN A 55 7.59 3.92 8.90
C GLN A 55 6.21 4.33 9.42
N GLY A 56 5.37 4.83 8.52
CA GLY A 56 4.02 5.25 8.90
C GLY A 56 4.03 6.30 9.99
N ALA A 57 5.05 7.17 9.96
CA ALA A 57 5.22 8.22 10.95
C ALA A 57 5.99 9.37 10.34
N LEU A 58 5.93 10.53 11.00
CA LEU A 58 6.66 11.72 10.55
C LEU A 58 7.84 12.02 11.45
N LEU A 59 8.86 12.65 10.88
CA LEU A 59 10.01 13.10 11.66
C LEU A 59 9.61 14.09 12.74
N ASN A 60 10.30 14.01 13.87
CA ASN A 60 10.08 14.90 15.01
C ASN A 60 8.72 14.73 15.67
N ASP A 61 8.13 13.55 15.47
CA ASP A 61 6.90 13.17 16.17
C ASP A 61 7.14 11.90 16.97
N LYS A 62 6.36 11.70 18.02
CA LYS A 62 6.58 10.56 18.91
C LYS A 62 6.46 9.21 18.21
N HIS A 63 5.70 9.15 17.11
CA HIS A 63 5.53 7.88 16.42
C HIS A 63 6.78 7.45 15.65
N SER A 64 7.78 8.32 15.61
CA SER A 64 9.07 7.98 15.02
C SER A 64 9.89 7.12 15.99
N ASN A 65 9.39 6.98 17.22
CA ASN A 65 10.06 6.18 18.24
C ASN A 65 10.23 4.73 17.79
N GLY A 66 11.44 4.20 17.94
CA GLY A 66 11.71 2.80 17.67
C GLY A 66 11.89 2.44 16.22
N THR A 67 12.05 3.44 15.36
CA THR A 67 12.10 3.20 13.91
C THR A 67 13.41 2.59 13.41
N ILE A 68 14.31 2.23 14.33
CA ILE A 68 15.45 1.42 13.93
C ILE A 68 14.92 0.05 13.48
N LYS A 69 13.74 -0.30 13.96
CA LYS A 69 13.11 -1.59 13.65
C LYS A 69 12.84 -1.75 12.15
N ASP A 70 13.18 -2.91 11.60
CA ASP A 70 13.13 -3.11 10.15
C ASP A 70 11.74 -3.39 9.56
N ARG A 71 10.94 -4.17 10.27
CA ARG A 71 9.68 -4.64 9.72
C ARG A 71 8.52 -4.40 10.69
N SER A 72 7.40 -3.93 10.15
CA SER A 72 6.20 -3.71 10.94
C SER A 72 5.03 -3.64 9.99
N PRO A 73 3.80 -3.70 10.52
CA PRO A 73 2.61 -3.59 9.67
C PRO A 73 2.35 -2.14 9.23
N TYR A 74 3.13 -1.19 9.71
CA TYR A 74 2.88 0.22 9.41
C TYR A 74 3.69 0.70 8.21
N ARG A 75 4.72 -0.04 7.85
CA ARG A 75 5.59 0.38 6.76
C ARG A 75 4.89 0.29 5.42
N THR A 76 5.03 1.35 4.62
CA THR A 76 4.41 1.40 3.31
C THR A 76 5.40 1.88 2.25
N LEU A 77 5.27 1.33 1.05
CA LEU A 77 6.03 1.81 -0.09
C LEU A 77 5.26 2.98 -0.69
N MET A 78 5.94 4.12 -0.82
CA MET A 78 5.34 5.29 -1.46
C MET A 78 6.37 5.89 -2.39
N SER A 79 5.97 6.88 -3.18
CA SER A 79 6.91 7.52 -4.09
C SER A 79 6.58 8.99 -4.29
N CYS A 80 7.58 9.76 -4.67
CA CYS A 80 7.40 11.17 -4.99
C CYS A 80 8.37 11.54 -6.10
N PRO A 81 8.19 12.71 -6.72
CA PRO A 81 9.15 13.10 -7.76
C PRO A 81 10.55 13.21 -7.19
N ILE A 82 11.55 12.88 -8.00
CA ILE A 82 12.93 12.89 -7.54
C ILE A 82 13.33 14.26 -7.01
N GLY A 83 14.04 14.27 -5.89
CA GLY A 83 14.54 15.51 -5.31
C GLY A 83 13.61 16.20 -4.33
N GLU A 84 12.35 15.77 -4.30
CA GLU A 84 11.38 16.33 -3.34
C GLU A 84 11.43 15.53 -2.05
N VAL A 85 11.15 16.18 -0.92
CA VAL A 85 11.08 15.46 0.35
C VAL A 85 9.85 14.55 0.33
N PRO A 86 9.97 13.36 0.93
CA PRO A 86 8.83 12.45 1.03
C PRO A 86 7.85 12.92 2.09
N SER A 87 6.74 13.53 1.66
CA SER A 87 5.75 14.06 2.57
CA SER A 87 5.75 14.03 2.59
C SER A 87 4.38 13.44 2.29
N PRO A 88 3.49 13.42 3.29
CA PRO A 88 2.14 12.93 3.01
C PRO A 88 1.43 13.83 1.99
N TYR A 89 1.97 15.02 1.74
CA TYR A 89 1.29 15.97 0.85
C TYR A 89 1.76 15.91 -0.60
N ASN A 90 2.83 15.17 -0.88
CA ASN A 90 3.33 15.05 -2.24
C ASN A 90 3.63 13.62 -2.67
N SER A 91 3.30 12.66 -1.81
CA SER A 91 3.65 11.27 -2.07
C SER A 91 2.49 10.40 -2.53
N ARG A 92 2.75 9.61 -3.57
CA ARG A 92 1.82 8.62 -4.09
C ARG A 92 1.93 7.35 -3.26
N PHE A 93 0.79 6.79 -2.86
CA PHE A 93 0.82 5.50 -2.18
C PHE A 93 1.01 4.37 -3.18
N GLU A 94 1.91 3.44 -2.88
CA GLU A 94 2.16 2.32 -3.78
C GLU A 94 1.70 0.97 -3.21
N SER A 95 2.20 0.61 -2.04
CA SER A 95 1.95 -0.72 -1.48
C SER A 95 2.21 -0.73 0.02
N VAL A 96 1.63 -1.70 0.73
CA VAL A 96 2.01 -1.93 2.11
C VAL A 96 3.25 -2.82 2.05
N ALA A 97 4.35 -2.39 2.66
CA ALA A 97 5.62 -3.08 2.41
C ALA A 97 6.72 -2.74 3.40
N TRP A 98 7.46 -3.77 3.83
CA TRP A 98 8.72 -3.55 4.53
C TRP A 98 9.92 -4.02 3.71
N SER A 99 9.66 -4.47 2.49
CA SER A 99 10.69 -4.73 1.49
C SER A 99 10.04 -4.53 0.13
N ALA A 100 10.77 -3.98 -0.83
CA ALA A 100 10.14 -3.56 -2.09
C ALA A 100 11.06 -3.46 -3.30
N SER A 101 10.44 -3.42 -4.47
CA SER A 101 11.09 -3.07 -5.71
C SER A 101 10.05 -2.38 -6.59
N ALA A 102 10.50 -1.68 -7.61
CA ALA A 102 9.59 -1.07 -8.57
C ALA A 102 10.33 -0.75 -9.86
N CYS A 103 9.59 -0.73 -10.96
CA CYS A 103 10.16 -0.36 -12.25
C CYS A 103 9.06 -0.16 -13.29
N HIS A 104 9.37 0.61 -14.32
CA HIS A 104 8.41 0.97 -15.34
C HIS A 104 8.81 0.30 -16.66
N ASP A 105 7.88 -0.41 -17.30
CA ASP A 105 8.21 -1.15 -18.51
C ASP A 105 8.04 -0.31 -19.78
N GLY A 106 7.72 0.97 -19.62
CA GLY A 106 7.45 1.85 -20.74
C GLY A 106 5.96 2.15 -20.86
N ILE A 107 5.14 1.25 -20.31
CA ILE A 107 3.69 1.42 -20.33
C ILE A 107 3.15 1.81 -18.98
N ASN A 108 3.47 1.00 -17.97
CA ASN A 108 2.99 1.22 -16.62
C ASN A 108 4.03 0.85 -15.56
N TRP A 109 3.79 1.33 -14.34
CA TRP A 109 4.62 0.98 -13.19
C TRP A 109 4.31 -0.41 -12.66
N LEU A 110 5.36 -1.16 -12.40
CA LEU A 110 5.27 -2.38 -11.62
C LEU A 110 5.78 -2.04 -10.23
N THR A 111 5.02 -2.39 -9.21
CA THR A 111 5.53 -2.28 -7.85
C THR A 111 5.42 -3.63 -7.15
N ILE A 112 6.40 -3.94 -6.32
CA ILE A 112 6.41 -5.17 -5.55
C ILE A 112 6.60 -4.78 -4.10
N GLY A 113 5.62 -5.14 -3.27
CA GLY A 113 5.68 -4.80 -1.86
C GLY A 113 5.46 -6.02 -1.00
N ILE A 114 6.42 -6.31 -0.13
CA ILE A 114 6.35 -7.47 0.75
C ILE A 114 5.91 -7.05 2.15
N SER A 115 4.85 -7.67 2.65
CA SER A 115 4.41 -7.45 4.02
C SER A 115 4.01 -8.79 4.62
N GLY A 116 3.48 -8.76 5.84
CA GLY A 116 3.12 -9.98 6.54
C GLY A 116 4.17 -10.39 7.55
N PRO A 117 3.95 -11.54 8.20
CA PRO A 117 4.83 -12.03 9.27
C PRO A 117 6.16 -12.56 8.73
N ASP A 118 7.19 -12.55 9.57
CA ASP A 118 8.50 -13.04 9.17
C ASP A 118 8.45 -14.48 8.66
N ASN A 119 7.54 -15.28 9.19
CA ASN A 119 7.48 -16.70 8.84
C ASN A 119 6.54 -17.03 7.68
N GLY A 120 6.02 -16.01 7.02
CA GLY A 120 5.09 -16.25 5.92
C GLY A 120 4.76 -15.01 5.11
N ALA A 121 5.77 -14.19 4.86
CA ALA A 121 5.58 -12.93 4.16
C ALA A 121 5.07 -13.12 2.73
N VAL A 122 4.32 -12.13 2.24
CA VAL A 122 3.76 -12.19 0.89
C VAL A 122 4.13 -10.94 0.10
N ALA A 123 4.71 -11.16 -1.08
CA ALA A 123 4.97 -10.06 -2.02
C ALA A 123 3.71 -9.80 -2.84
N VAL A 124 3.22 -8.56 -2.79
CA VAL A 124 2.08 -8.16 -3.60
C VAL A 124 2.59 -7.38 -4.81
N LEU A 125 2.27 -7.88 -5.99
CA LEU A 125 2.68 -7.22 -7.23
C LEU A 125 1.53 -6.39 -7.77
N LYS A 126 1.82 -5.14 -8.14
CA LYS A 126 0.84 -4.28 -8.76
C LYS A 126 1.35 -3.77 -10.11
N TYR A 127 0.43 -3.64 -11.06
CA TYR A 127 0.74 -3.04 -12.35
C TYR A 127 -0.27 -1.92 -12.52
N ASN A 128 0.21 -0.70 -12.68
CA ASN A 128 -0.67 0.47 -12.70
C ASN A 128 -1.54 0.53 -11.45
N GLY A 129 -1.00 0.11 -10.32
CA GLY A 129 -1.69 0.22 -9.04
C GLY A 129 -2.78 -0.80 -8.78
N ILE A 130 -2.91 -1.76 -9.68
CA ILE A 130 -3.88 -2.84 -9.53
C ILE A 130 -3.14 -4.12 -9.19
N ILE A 131 -3.61 -4.86 -8.20
CA ILE A 131 -2.94 -6.11 -7.85
C ILE A 131 -3.02 -7.11 -9.00
N THR A 132 -1.87 -7.65 -9.37
CA THR A 132 -1.78 -8.55 -10.52
C THR A 132 -1.22 -9.92 -10.17
N ASP A 133 -0.54 -10.03 -9.02
CA ASP A 133 0.00 -11.32 -8.60
C ASP A 133 0.49 -11.24 -7.16
N THR A 134 0.74 -12.40 -6.57
CA THR A 134 1.40 -12.46 -5.29
C THR A 134 2.36 -13.63 -5.31
N ILE A 135 3.38 -13.57 -4.47
CA ILE A 135 4.23 -14.72 -4.24
C ILE A 135 4.56 -14.78 -2.76
N LYS A 136 4.43 -15.98 -2.21
CA LYS A 136 4.57 -16.15 -0.77
C LYS A 136 5.90 -16.79 -0.41
N SER A 137 6.41 -16.43 0.76
CA SER A 137 7.62 -17.01 1.32
C SER A 137 7.67 -18.52 1.12
N TRP A 138 8.79 -19.01 0.60
CA TRP A 138 8.96 -20.45 0.36
C TRP A 138 9.91 -21.11 1.35
N ARG A 139 10.60 -20.30 2.16
CA ARG A 139 11.46 -20.83 3.22
C ARG A 139 11.01 -20.34 4.60
N ASN A 140 9.92 -19.58 4.63
CA ASN A 140 9.36 -19.09 5.90
C ASN A 140 10.36 -18.32 6.75
N ASN A 141 11.24 -17.57 6.11
CA ASN A 141 12.27 -16.83 6.83
C ASN A 141 12.60 -15.49 6.19
N ILE A 142 11.69 -14.53 6.37
CA ILE A 142 11.84 -13.17 5.87
C ILE A 142 12.07 -13.06 4.35
N LEU A 143 11.06 -13.43 3.59
CA LEU A 143 11.08 -13.17 2.15
C LEU A 143 11.42 -11.70 1.96
N ARG A 144 12.40 -11.43 1.09
CA ARG A 144 12.88 -10.07 0.93
C ARG A 144 13.42 -9.83 -0.48
N THR A 145 13.41 -8.58 -0.91
CA THR A 145 13.80 -8.27 -2.28
C THR A 145 14.80 -7.10 -2.39
N GLN A 146 14.81 -6.44 -3.55
CA GLN A 146 15.92 -5.55 -3.93
C GLN A 146 16.15 -4.30 -3.07
N GLU A 147 15.06 -3.62 -2.72
CA GLU A 147 15.12 -2.26 -2.21
C GLU A 147 15.76 -1.32 -3.24
N SER A 148 15.63 -1.67 -4.52
CA SER A 148 15.96 -0.78 -5.62
C SER A 148 15.17 -1.20 -6.84
N GLU A 149 15.34 -0.50 -7.95
CA GLU A 149 14.50 -0.74 -9.12
C GLU A 149 14.72 -2.10 -9.74
N CYS A 150 13.64 -2.73 -10.19
CA CYS A 150 13.76 -3.90 -11.04
C CYS A 150 14.23 -3.44 -12.42
N ALA A 151 14.44 -4.40 -13.33
CA ALA A 151 14.99 -4.08 -14.64
C ALA A 151 14.08 -4.60 -15.75
N CYS A 152 13.84 -3.77 -16.76
CA CYS A 152 12.90 -4.13 -17.81
C CYS A 152 13.54 -4.18 -19.20
N VAL A 153 13.15 -5.21 -19.96
CA VAL A 153 13.57 -5.36 -21.33
C VAL A 153 12.40 -5.86 -22.16
N ASN A 154 12.05 -5.11 -23.21
CA ASN A 154 11.01 -5.53 -24.15
C ASN A 154 9.73 -6.03 -23.50
N GLY A 155 9.25 -5.33 -22.48
CA GLY A 155 7.97 -5.65 -21.87
C GLY A 155 8.03 -6.69 -20.77
N SER A 156 9.23 -7.18 -20.49
CA SER A 156 9.45 -8.09 -19.38
C SER A 156 10.30 -7.39 -18.33
N CYS A 157 9.90 -7.50 -17.07
CA CYS A 157 10.68 -6.94 -15.98
C CYS A 157 11.18 -8.05 -15.07
N PHE A 158 12.33 -7.82 -14.45
CA PHE A 158 13.05 -8.86 -13.74
C PHE A 158 13.47 -8.41 -12.35
N THR A 159 13.36 -9.31 -11.39
CA THR A 159 13.81 -9.02 -10.03
C THR A 159 14.38 -10.28 -9.38
N VAL A 160 14.98 -10.09 -8.20
CA VAL A 160 15.53 -11.18 -7.43
C VAL A 160 14.97 -11.11 -6.02
N MET A 161 14.62 -12.26 -5.45
CA MET A 161 14.16 -12.32 -4.06
C MET A 161 14.91 -13.40 -3.30
N THR A 162 15.04 -13.19 -1.99
CA THR A 162 15.75 -14.10 -1.11
C THR A 162 14.84 -14.54 0.03
N ASP A 163 15.02 -15.77 0.48
CA ASP A 163 14.27 -16.30 1.62
C ASP A 163 15.21 -17.25 2.35
N GLY A 164 15.31 -17.09 3.66
CA GLY A 164 16.23 -17.90 4.45
C GLY A 164 17.16 -17.04 5.29
N PRO A 165 18.16 -17.68 5.92
CA PRO A 165 19.06 -16.99 6.86
C PRO A 165 19.85 -15.84 6.23
N SER A 166 20.20 -14.87 7.06
CA SER A 166 21.08 -13.80 6.64
C SER A 166 22.51 -14.08 7.11
N ASN A 167 22.69 -15.18 7.83
CA ASN A 167 24.00 -15.54 8.37
C ASN A 167 24.43 -16.95 7.96
N GLY A 168 23.92 -17.41 6.83
CA GLY A 168 24.23 -18.73 6.32
C GLY A 168 23.58 -18.93 4.98
N GLN A 169 23.69 -20.13 4.42
CA GLN A 169 23.10 -20.41 3.12
C GLN A 169 21.61 -20.09 3.11
N ALA A 170 21.18 -19.35 2.09
CA ALA A 170 19.77 -19.07 1.90
C ALA A 170 19.34 -19.48 0.49
N SER A 171 18.14 -19.07 0.09
CA SER A 171 17.57 -19.44 -1.20
C SER A 171 17.31 -18.17 -2.01
N TYR A 172 17.70 -18.18 -3.28
CA TYR A 172 17.61 -17.00 -4.13
C TYR A 172 16.87 -17.35 -5.42
N LYS A 173 15.85 -16.56 -5.75
CA LYS A 173 15.09 -16.80 -6.98
C LYS A 173 15.07 -15.59 -7.88
N ILE A 174 15.10 -15.85 -9.19
CA ILE A 174 14.96 -14.80 -10.19
C ILE A 174 13.56 -14.90 -10.79
N PHE A 175 12.95 -13.75 -11.05
CA PHE A 175 11.59 -13.70 -11.58
C PHE A 175 11.50 -12.91 -12.87
N ARG A 176 10.70 -13.42 -13.80
CA ARG A 176 10.33 -12.68 -14.99
C ARG A 176 8.86 -12.31 -14.89
N ILE A 177 8.57 -11.03 -15.04
CA ILE A 177 7.25 -10.49 -14.79
C ILE A 177 6.77 -9.71 -16.00
N GLU A 178 5.55 -10.01 -16.44
CA GLU A 178 4.98 -9.30 -17.59
C GLU A 178 3.61 -8.77 -17.21
N LYS A 179 3.46 -7.45 -17.33
CA LYS A 179 2.23 -6.77 -16.93
C LYS A 179 1.82 -7.15 -15.51
N GLY A 180 2.82 -7.23 -14.63
CA GLY A 180 2.60 -7.47 -13.21
C GLY A 180 2.38 -8.93 -12.85
N LYS A 181 2.47 -9.80 -13.84
CA LYS A 181 2.24 -11.23 -13.65
C LYS A 181 3.54 -12.01 -13.74
N ILE A 182 3.79 -12.88 -12.76
CA ILE A 182 4.98 -13.73 -12.83
C ILE A 182 4.77 -14.79 -13.90
N VAL A 183 5.63 -14.80 -14.91
CA VAL A 183 5.49 -15.74 -16.02
C VAL A 183 6.57 -16.80 -15.99
N LYS A 184 7.61 -16.56 -15.21
CA LYS A 184 8.67 -17.54 -15.02
C LYS A 184 9.50 -17.20 -13.80
N SER A 185 9.98 -18.22 -13.12
CA SER A 185 10.94 -18.03 -12.06
C SER A 185 11.89 -19.21 -12.02
N VAL A 186 13.08 -18.99 -11.50
N VAL A 186 13.06 -18.99 -11.47
CA VAL A 186 14.04 -20.07 -11.32
CA VAL A 186 14.02 -20.05 -11.30
C VAL A 186 14.80 -19.85 -10.02
C VAL A 186 14.77 -19.84 -9.99
N GLU A 187 15.14 -20.94 -9.33
CA GLU A 187 15.96 -20.84 -8.15
C GLU A 187 17.42 -20.95 -8.55
N MET A 188 18.22 -20.00 -8.12
CA MET A 188 19.64 -20.01 -8.39
C MET A 188 20.35 -21.13 -7.63
N ASN A 189 21.14 -21.92 -8.35
CA ASN A 189 21.95 -22.95 -7.76
C ASN A 189 23.28 -22.33 -7.34
N ALA A 190 23.32 -21.79 -6.12
CA ALA A 190 24.46 -21.01 -5.68
C ALA A 190 24.97 -21.45 -4.31
N PRO A 191 25.38 -22.73 -4.19
CA PRO A 191 25.93 -23.15 -2.90
C PRO A 191 27.13 -22.30 -2.53
N ASN A 192 27.19 -21.88 -1.28
CA ASN A 192 28.29 -21.06 -0.74
C ASN A 192 28.24 -19.59 -1.14
N TYR A 193 27.23 -19.21 -1.92
CA TYR A 193 26.97 -17.81 -2.25
C TYR A 193 25.91 -17.27 -1.31
N HIS A 194 25.87 -15.95 -1.14
CA HIS A 194 24.78 -15.29 -0.43
C HIS A 194 24.36 -14.02 -1.17
N TYR A 195 23.07 -13.92 -1.47
CA TYR A 195 22.54 -12.76 -2.21
C TYR A 195 21.43 -12.06 -1.43
N GLU A 196 21.57 -10.74 -1.26
CA GLU A 196 20.52 -9.90 -0.72
C GLU A 196 20.49 -8.59 -1.47
N GLU A 197 19.32 -7.95 -1.53
CA GLU A 197 19.24 -6.55 -1.92
C GLU A 197 19.96 -6.23 -3.22
N CYS A 198 19.65 -7.02 -4.25
CA CYS A 198 20.31 -6.87 -5.54
C CYS A 198 20.01 -5.53 -6.21
N SER A 199 21.06 -4.95 -6.78
CA SER A 199 20.94 -3.78 -7.63
C SER A 199 21.07 -4.27 -9.07
N CYS A 200 19.96 -4.27 -9.80
CA CYS A 200 19.91 -4.87 -11.14
C CYS A 200 19.65 -3.84 -12.21
N TYR A 201 20.35 -3.95 -13.33
CA TYR A 201 20.15 -3.05 -14.46
C TYR A 201 20.19 -3.81 -15.78
N PRO A 202 19.51 -3.30 -16.81
CA PRO A 202 19.56 -3.88 -18.16
C PRO A 202 20.75 -3.37 -18.96
N ASP A 203 21.26 -4.22 -19.84
CA ASP A 203 22.44 -3.92 -20.64
C ASP A 203 22.44 -4.90 -21.81
N SER A 204 22.17 -4.39 -23.00
CA SER A 204 22.15 -5.23 -24.20
C SER A 204 21.23 -6.44 -24.07
N SER A 205 20.00 -6.20 -23.64
CA SER A 205 18.93 -7.19 -23.57
C SER A 205 19.08 -8.20 -22.43
N GLU A 206 20.10 -8.04 -21.61
CA GLU A 206 20.32 -8.95 -20.49
C GLU A 206 20.42 -8.17 -19.18
N ILE A 207 20.24 -8.87 -18.07
CA ILE A 207 20.22 -8.23 -16.77
C ILE A 207 21.45 -8.57 -15.95
N THR A 208 22.04 -7.55 -15.33
CA THR A 208 23.16 -7.76 -14.42
C THR A 208 22.79 -7.23 -13.04
N CYS A 209 22.96 -8.07 -12.02
CA CYS A 209 22.67 -7.69 -10.64
C CYS A 209 23.91 -7.79 -9.78
N VAL A 210 24.16 -6.76 -8.99
CA VAL A 210 25.24 -6.77 -8.01
C VAL A 210 24.61 -6.62 -6.64
N CYS A 211 24.96 -7.51 -5.72
CA CYS A 211 24.17 -7.69 -4.51
C CYS A 211 25.01 -7.63 -3.23
N ARG A 212 24.39 -8.10 -2.13
CA ARG A 212 25.01 -8.06 -0.82
C ARG A 212 25.11 -9.47 -0.24
N ASP A 213 26.33 -9.88 0.10
CA ASP A 213 26.56 -11.14 0.78
C ASP A 213 26.66 -10.85 2.27
N ASN A 214 25.69 -11.25 3.10
CA ASN A 214 25.68 -10.97 4.50
C ASN A 214 26.24 -12.13 5.33
N TRP A 215 26.59 -13.19 4.63
CA TRP A 215 27.01 -14.40 5.31
C TRP A 215 28.53 -14.42 5.50
N HIS A 216 29.28 -14.30 4.41
CA HIS A 216 30.73 -14.47 4.51
C HIS A 216 31.50 -13.89 3.32
N GLY A 217 31.06 -12.74 2.81
CA GLY A 217 31.76 -12.10 1.72
C GLY A 217 31.85 -10.59 1.87
N SER A 218 33.05 -10.04 1.79
CA SER A 218 33.23 -8.59 1.87
C SER A 218 33.38 -7.97 0.48
N ASN A 219 33.46 -8.83 -0.53
CA ASN A 219 33.26 -8.40 -1.91
C ASN A 219 31.79 -8.69 -2.26
N ARG A 220 31.33 -8.17 -3.38
CA ARG A 220 29.92 -8.33 -3.74
C ARG A 220 29.66 -9.46 -4.71
N PRO A 221 28.63 -10.27 -4.45
CA PRO A 221 28.20 -11.30 -5.39
C PRO A 221 27.45 -10.67 -6.55
N TRP A 222 27.49 -11.33 -7.70
CA TRP A 222 26.70 -10.88 -8.84
C TRP A 222 25.98 -12.04 -9.50
N VAL A 223 24.88 -11.71 -10.18
CA VAL A 223 24.18 -12.68 -11.01
C VAL A 223 23.71 -11.96 -12.25
N SER A 224 23.93 -12.58 -13.41
CA SER A 224 23.48 -12.02 -14.66
C SER A 224 22.68 -13.05 -15.41
N PHE A 225 21.70 -12.61 -16.19
CA PHE A 225 20.80 -13.54 -16.86
C PHE A 225 20.14 -12.94 -18.09
N ASN A 226 19.72 -13.80 -19.01
CA ASN A 226 18.95 -13.35 -20.16
C ASN A 226 17.45 -13.41 -19.87
N GLN A 227 16.65 -13.09 -20.88
CA GLN A 227 15.21 -13.00 -20.69
C GLN A 227 14.60 -14.35 -20.35
N ASN A 228 15.30 -15.43 -20.70
CA ASN A 228 14.84 -16.77 -20.37
C ASN A 228 15.31 -17.24 -19.00
N LEU A 229 15.98 -16.34 -18.29
CA LEU A 229 16.46 -16.63 -16.93
C LEU A 229 17.58 -17.65 -16.91
N GLU A 230 18.27 -17.81 -18.03
CA GLU A 230 19.52 -18.55 -18.05
C GLU A 230 20.57 -17.63 -17.42
N TYR A 231 21.16 -18.07 -16.32
CA TYR A 231 21.99 -17.17 -15.51
C TYR A 231 23.45 -17.61 -15.35
N GLN A 232 24.28 -16.65 -14.95
CA GLN A 232 25.65 -16.91 -14.52
C GLN A 232 25.84 -16.22 -13.18
N ILE A 233 26.72 -16.77 -12.34
CA ILE A 233 26.98 -16.19 -11.03
C ILE A 233 28.47 -16.06 -10.75
N GLY A 234 28.82 -15.16 -9.84
CA GLY A 234 30.19 -14.97 -9.42
C GLY A 234 30.29 -13.91 -8.34
N TYR A 235 31.51 -13.52 -8.01
CA TYR A 235 31.76 -12.39 -7.11
C TYR A 235 32.69 -11.42 -7.83
N ILE A 236 32.55 -10.13 -7.55
CA ILE A 236 33.46 -9.14 -8.08
C ILE A 236 34.87 -9.42 -7.57
N CYS A 237 35.82 -9.57 -8.48
CA CYS A 237 37.16 -10.06 -8.16
C CYS A 237 38.07 -9.03 -7.51
N SER A 238 37.80 -7.75 -7.76
CA SER A 238 38.69 -6.66 -7.36
C SER A 238 39.09 -6.70 -5.88
N GLY A 239 40.35 -6.36 -5.62
CA GLY A 239 40.85 -6.21 -4.26
C GLY A 239 40.37 -4.91 -3.64
N ILE A 240 39.72 -4.09 -4.45
CA ILE A 240 38.99 -2.93 -3.98
C ILE A 240 37.63 -3.43 -3.49
N PHE A 241 37.58 -3.91 -2.25
CA PHE A 241 36.38 -4.58 -1.75
C PHE A 241 35.18 -3.64 -1.67
N GLY A 242 34.01 -4.15 -2.05
CA GLY A 242 32.84 -3.30 -2.23
C GLY A 242 31.86 -3.22 -1.08
N ASP A 243 31.88 -4.21 -0.18
CA ASP A 243 30.88 -4.25 0.89
C ASP A 243 31.29 -3.39 2.08
N ASN A 244 30.38 -3.29 3.06
CA ASN A 244 30.67 -2.67 4.34
C ASN A 244 29.96 -3.47 5.40
N PRO A 245 30.71 -4.02 6.37
CA PRO A 245 32.15 -3.87 6.57
C PRO A 245 33.00 -4.62 5.56
N ARG A 246 34.31 -4.43 5.65
CA ARG A 246 35.26 -5.07 4.75
C ARG A 246 36.67 -4.88 5.32
N PRO A 247 37.64 -5.60 4.76
CA PRO A 247 39.03 -5.38 5.16
C PRO A 247 39.61 -4.20 4.38
N ASN A 248 40.80 -3.76 4.76
CA ASN A 248 41.55 -2.83 3.92
C ASN A 248 41.83 -3.49 2.58
N ASP A 249 41.89 -2.69 1.53
CA ASP A 249 42.13 -3.21 0.18
C ASP A 249 43.41 -4.04 0.11
N LYS A 250 43.33 -5.18 -0.56
CA LYS A 250 44.47 -6.04 -0.79
C LYS A 250 44.08 -7.01 -1.90
N THR A 251 44.84 -8.09 -2.09
CA THR A 251 44.48 -9.03 -3.14
C THR A 251 43.09 -9.62 -2.89
N GLY A 252 42.23 -9.55 -3.90
CA GLY A 252 40.86 -10.00 -3.76
C GLY A 252 40.63 -11.44 -4.17
N SER A 253 39.37 -11.80 -4.38
CA SER A 253 39.00 -13.14 -4.78
C SER A 253 37.79 -13.11 -5.71
N CYS A 254 37.72 -14.08 -6.60
CA CYS A 254 36.56 -14.22 -7.47
C CYS A 254 35.47 -15.06 -6.78
N GLY A 255 35.76 -15.49 -5.55
CA GLY A 255 34.77 -16.09 -4.68
C GLY A 255 34.56 -15.18 -3.47
N PRO A 256 33.70 -15.60 -2.53
CA PRO A 256 33.44 -14.74 -1.37
C PRO A 256 34.68 -14.52 -0.51
N VAL A 257 34.99 -13.26 -0.22
CA VAL A 257 36.11 -12.91 0.64
C VAL A 257 35.66 -12.98 2.10
N SER A 258 36.19 -13.96 2.83
CA SER A 258 35.71 -14.25 4.18
C SER A 258 36.06 -13.17 5.22
N SER A 259 37.20 -12.52 5.04
CA SER A 259 37.63 -11.49 5.99
C SER A 259 36.58 -10.38 6.11
N ASN A 260 36.10 -10.16 7.32
CA ASN A 260 35.07 -9.14 7.57
C ASN A 260 33.84 -9.34 6.70
N GLY A 261 33.57 -10.60 6.35
CA GLY A 261 32.55 -10.93 5.38
C GLY A 261 31.12 -10.93 5.90
N ALA A 262 30.95 -11.17 7.20
CA ALA A 262 29.61 -11.16 7.78
C ALA A 262 29.06 -9.74 7.79
N ASN A 263 27.75 -9.67 7.77
CA ASN A 263 27.04 -8.39 7.68
C ASN A 263 27.28 -7.75 6.32
N GLY A 264 26.83 -6.51 6.14
CA GLY A 264 26.98 -5.86 4.85
C GLY A 264 26.11 -4.63 4.71
N VAL A 265 26.07 -4.09 3.51
CA VAL A 265 25.21 -2.97 3.20
C VAL A 265 24.76 -3.14 1.75
N LYS A 266 23.56 -2.70 1.43
CA LYS A 266 23.13 -2.76 0.04
C LYS A 266 24.02 -1.85 -0.78
N GLY A 267 24.46 -2.33 -1.94
CA GLY A 267 25.26 -1.54 -2.84
C GLY A 267 25.05 -1.91 -4.28
N PHE A 268 25.93 -1.43 -5.14
CA PHE A 268 25.82 -1.65 -6.57
C PHE A 268 27.19 -1.54 -7.21
N SER A 269 27.27 -1.97 -8.47
CA SER A 269 28.42 -1.73 -9.32
C SER A 269 27.97 -1.87 -10.77
N PHE A 270 28.69 -1.21 -11.67
CA PHE A 270 28.39 -1.32 -13.10
C PHE A 270 29.54 -2.03 -13.81
N LYS A 271 29.21 -3.11 -14.50
CA LYS A 271 30.18 -3.88 -15.26
C LYS A 271 30.41 -3.30 -16.64
N TYR A 272 31.67 -3.14 -17.02
CA TYR A 272 32.05 -2.80 -18.38
C TYR A 272 33.18 -3.72 -18.82
N GLY A 273 32.81 -4.84 -19.45
CA GLY A 273 33.80 -5.84 -19.80
C GLY A 273 34.50 -6.36 -18.57
N ASN A 274 35.83 -6.31 -18.57
CA ASN A 274 36.60 -6.72 -17.39
C ASN A 274 36.61 -5.64 -16.32
N GLY A 275 36.13 -4.45 -16.67
CA GLY A 275 36.20 -3.32 -15.77
C GLY A 275 34.95 -3.14 -14.95
N VAL A 276 35.02 -2.27 -13.95
CA VAL A 276 33.88 -2.05 -13.08
C VAL A 276 33.92 -0.68 -12.41
N TRP A 277 32.76 -0.02 -12.39
CA TRP A 277 32.56 1.15 -11.56
C TRP A 277 31.99 0.67 -10.23
N ILE A 278 32.76 0.85 -9.16
CA ILE A 278 32.36 0.43 -7.82
C ILE A 278 31.96 1.64 -6.99
N GLY A 279 30.75 1.61 -6.45
CA GLY A 279 30.36 2.60 -5.45
C GLY A 279 30.50 1.95 -4.08
N ARG A 280 31.13 2.63 -3.14
CA ARG A 280 31.29 2.07 -1.80
C ARG A 280 31.44 3.14 -0.73
N THR A 281 31.23 2.74 0.52
CA THR A 281 31.50 3.63 1.65
C THR A 281 32.98 3.94 1.68
N LYS A 282 33.35 5.00 2.39
CA LYS A 282 34.76 5.30 2.58
C LYS A 282 35.34 4.54 3.78
N SER A 283 34.52 4.38 4.81
CA SER A 283 34.92 3.62 6.00
C SER A 283 34.86 2.11 5.72
N ILE A 284 35.81 1.36 6.26
CA ILE A 284 35.78 -0.08 6.11
C ILE A 284 34.91 -0.75 7.18
N SER A 285 34.53 0.00 8.22
CA SER A 285 33.86 -0.59 9.36
C SER A 285 32.44 -0.07 9.62
N SER A 286 32.12 1.09 9.06
CA SER A 286 30.84 1.72 9.34
CA SER A 286 30.85 1.72 9.34
C SER A 286 30.28 2.38 8.08
N ARG A 287 28.98 2.68 8.12
CA ARG A 287 28.30 3.30 6.98
C ARG A 287 28.58 4.79 6.91
N ASN A 288 29.84 5.11 6.61
CA ASN A 288 30.33 6.48 6.54
C ASN A 288 31.05 6.75 5.23
N GLY A 289 30.76 7.89 4.62
CA GLY A 289 31.41 8.29 3.38
C GLY A 289 30.90 7.54 2.18
N PHE A 290 31.22 8.05 0.99
CA PHE A 290 30.91 7.35 -0.24
C PHE A 290 31.84 7.81 -1.35
N GLU A 291 32.21 6.88 -2.21
CA GLU A 291 33.10 7.19 -3.32
C GLU A 291 32.79 6.28 -4.51
N MET A 292 33.10 6.78 -5.70
CA MET A 292 33.01 5.98 -6.91
C MET A 292 34.42 5.66 -7.40
N ILE A 293 34.67 4.39 -7.69
CA ILE A 293 35.98 3.96 -8.14
C ILE A 293 35.87 3.24 -9.48
N TRP A 294 36.67 3.68 -10.44
CA TRP A 294 36.79 2.96 -11.71
C TRP A 294 37.99 2.05 -11.65
N ASP A 295 37.73 0.74 -11.77
CA ASP A 295 38.79 -0.24 -11.79
C ASP A 295 38.71 -1.00 -13.11
N PRO A 296 39.64 -0.70 -14.03
CA PRO A 296 39.50 -1.20 -15.41
C PRO A 296 39.58 -2.72 -15.57
N ASN A 297 40.10 -3.42 -14.57
CA ASN A 297 40.08 -4.88 -14.60
C ASN A 297 39.45 -5.49 -13.35
N GLY A 298 38.65 -4.69 -12.65
CA GLY A 298 38.16 -5.12 -11.38
C GLY A 298 37.04 -6.16 -11.36
N TRP A 299 36.37 -6.36 -12.47
CA TRP A 299 35.34 -7.38 -12.49
C TRP A 299 35.97 -8.77 -12.39
N THR A 300 37.06 -8.96 -13.12
CA THR A 300 37.66 -10.28 -13.27
C THR A 300 39.05 -10.42 -12.66
N GLY A 301 39.67 -9.30 -12.31
CA GLY A 301 41.02 -9.31 -11.77
C GLY A 301 41.06 -9.04 -10.28
N THR A 302 42.02 -9.64 -9.59
CA THR A 302 42.03 -9.60 -8.13
C THR A 302 42.96 -8.56 -7.50
N ASP A 303 43.70 -7.81 -8.32
CA ASP A 303 44.61 -6.83 -7.74
C ASP A 303 43.85 -5.68 -7.09
N ASN A 304 44.55 -4.86 -6.32
CA ASN A 304 43.92 -3.73 -5.65
C ASN A 304 44.31 -2.39 -6.25
N ASN A 305 44.65 -2.41 -7.54
CA ASN A 305 44.94 -1.19 -8.27
C ASN A 305 43.67 -0.67 -8.94
N PHE A 306 43.55 0.65 -9.06
CA PHE A 306 42.40 1.24 -9.73
C PHE A 306 42.83 2.55 -10.39
N SER A 307 41.98 3.10 -11.26
CA SER A 307 42.38 4.21 -12.12
C SER A 307 41.76 5.56 -11.74
N ILE A 308 40.51 5.55 -11.31
CA ILE A 308 39.80 6.78 -10.98
C ILE A 308 39.10 6.65 -9.64
N LYS A 309 39.18 7.68 -8.81
CA LYS A 309 38.35 7.77 -7.63
C LYS A 309 37.65 9.13 -7.58
N GLN A 310 36.35 9.12 -7.37
CA GLN A 310 35.60 10.37 -7.23
C GLN A 310 34.87 10.40 -5.89
N ASP A 311 35.13 11.43 -5.09
CA ASP A 311 34.48 11.59 -3.80
C ASP A 311 33.01 11.98 -3.95
N ILE A 312 32.16 11.40 -3.11
CA ILE A 312 30.73 11.65 -3.13
C ILE A 312 30.22 12.14 -1.78
N VAL A 313 30.65 11.47 -0.71
CA VAL A 313 30.35 11.87 0.66
C VAL A 313 31.61 11.69 1.50
N GLY A 314 31.95 12.70 2.30
CA GLY A 314 33.16 12.66 3.11
C GLY A 314 33.16 11.55 4.14
N ILE A 315 34.34 11.06 4.50
CA ILE A 315 34.45 9.91 5.40
C ILE A 315 33.87 10.18 6.79
N ASN A 316 33.82 11.44 7.20
CA ASN A 316 33.28 11.78 8.51
C ASN A 316 31.78 12.03 8.48
N GLU A 317 31.14 11.70 7.36
CA GLU A 317 29.70 11.90 7.20
C GLU A 317 28.98 10.57 7.02
N TRP A 318 27.73 10.51 7.45
CA TRP A 318 26.95 9.28 7.35
C TRP A 318 26.51 8.99 5.92
N SER A 319 26.63 7.73 5.53
CA SER A 319 26.03 7.29 4.28
C SER A 319 25.04 6.17 4.57
N GLY A 320 25.05 5.11 3.79
CA GLY A 320 24.09 4.03 3.97
C GLY A 320 23.94 3.22 2.70
N TYR A 321 22.70 2.80 2.42
CA TYR A 321 22.42 2.04 1.22
C TYR A 321 22.78 2.83 -0.03
N SER A 322 23.09 2.11 -1.10
CA SER A 322 23.22 2.72 -2.41
C SER A 322 22.71 1.74 -3.46
N GLY A 323 22.29 2.26 -4.61
CA GLY A 323 21.77 1.41 -5.65
C GLY A 323 21.87 2.05 -7.02
N SER A 324 21.82 1.21 -8.04
CA SER A 324 21.81 1.67 -9.42
C SER A 324 20.41 2.09 -9.83
N PHE A 325 20.34 3.05 -10.75
CA PHE A 325 19.16 3.21 -11.59
C PHE A 325 19.61 3.62 -12.98
N VAL A 326 18.80 3.30 -13.98
CA VAL A 326 19.18 3.65 -15.35
C VAL A 326 18.19 4.61 -15.99
N GLN A 327 18.64 5.28 -17.04
CA GLN A 327 17.77 6.08 -17.86
C GLN A 327 17.87 5.54 -19.27
N HIS A 328 16.74 5.06 -19.78
CA HIS A 328 16.69 4.43 -21.10
C HIS A 328 16.66 5.48 -22.20
N PRO A 329 17.09 5.10 -23.40
CA PRO A 329 17.04 5.97 -24.59
C PRO A 329 15.65 6.58 -24.80
N GLU A 330 14.60 5.84 -24.45
CA GLU A 330 13.23 6.34 -24.59
C GLU A 330 13.00 7.61 -23.77
N LEU A 331 13.78 7.75 -22.69
CA LEU A 331 13.68 8.93 -21.84
C LEU A 331 14.67 10.02 -22.23
N THR A 332 15.89 9.61 -22.60
CA THR A 332 16.99 10.55 -22.79
C THR A 332 17.22 10.98 -24.24
N GLY A 333 16.86 10.12 -25.19
CA GLY A 333 17.18 10.36 -26.59
C GLY A 333 18.58 9.93 -26.98
N LEU A 334 19.30 9.33 -26.03
CA LEU A 334 20.64 8.80 -26.27
C LEU A 334 20.55 7.45 -26.99
N ASP A 335 21.69 6.93 -27.44
CA ASP A 335 21.72 5.64 -28.12
C ASP A 335 22.29 4.54 -27.22
N CYS A 336 22.21 4.77 -25.92
CA CYS A 336 22.68 3.81 -24.94
C CYS A 336 21.90 3.98 -23.64
N ILE A 337 21.99 3.00 -22.75
CA ILE A 337 21.34 3.06 -21.46
C ILE A 337 22.25 3.76 -20.46
N ARG A 338 21.80 4.89 -19.92
CA ARG A 338 22.62 5.69 -19.04
C ARG A 338 22.61 5.19 -17.60
N PRO A 339 23.80 4.97 -17.02
CA PRO A 339 23.88 4.57 -15.62
C PRO A 339 23.81 5.76 -14.67
N CYS A 340 22.98 5.64 -13.63
CA CYS A 340 22.93 6.60 -12.55
C CYS A 340 22.96 5.81 -11.24
N PHE A 341 23.13 6.50 -10.12
CA PHE A 341 23.04 5.83 -8.83
C PHE A 341 22.54 6.78 -7.75
N TRP A 342 22.01 6.21 -6.68
CA TRP A 342 21.59 6.99 -5.52
C TRP A 342 22.30 6.50 -4.27
N VAL A 343 22.36 7.36 -3.27
CA VAL A 343 22.91 7.01 -1.98
C VAL A 343 21.94 7.44 -0.88
N GLU A 344 21.66 6.53 0.04
CA GLU A 344 20.86 6.82 1.22
C GLU A 344 21.78 7.34 2.31
N LEU A 345 21.42 8.46 2.90
CA LEU A 345 22.19 9.04 3.99
C LEU A 345 21.43 8.82 5.29
N ILE A 346 21.85 7.80 6.04
CA ILE A 346 21.11 7.36 7.23
C ILE A 346 21.46 8.17 8.47
N ARG A 347 20.44 8.71 9.13
CA ARG A 347 20.62 9.45 10.38
C ARG A 347 19.86 8.78 11.52
N GLY A 348 20.37 8.94 12.74
CA GLY A 348 19.71 8.42 13.91
C GLY A 348 20.34 7.14 14.42
N ARG A 349 19.52 6.22 14.89
CA ARG A 349 20.02 4.97 15.46
C ARG A 349 20.55 4.03 14.38
N PRO A 350 21.53 3.20 14.73
CA PRO A 350 22.09 3.03 16.08
C PRO A 350 23.26 3.96 16.45
N LYS A 351 23.81 4.67 15.48
CA LYS A 351 25.05 5.44 15.72
C LYS A 351 24.83 6.77 16.45
N GLU A 352 23.62 7.29 16.38
CA GLU A 352 23.32 8.58 16.99
C GLU A 352 22.27 8.46 18.08
N ASN A 353 22.31 9.37 19.04
CA ASN A 353 21.46 9.27 20.23
C ASN A 353 20.09 9.89 20.03
N THR A 354 19.28 9.22 19.21
CA THR A 354 17.93 9.66 18.91
C THR A 354 16.99 8.51 19.19
N ILE A 355 15.69 8.77 19.13
CA ILE A 355 14.71 7.70 19.29
C ILE A 355 14.38 7.08 17.95
N TRP A 356 14.87 7.69 16.87
CA TRP A 356 14.44 7.36 15.52
C TRP A 356 15.59 7.06 14.56
N THR A 357 15.24 6.50 13.41
CA THR A 357 16.18 6.31 12.31
C THR A 357 15.48 6.72 11.03
N SER A 358 16.16 7.53 10.20
CA SER A 358 15.59 7.96 8.93
C SER A 358 16.70 8.35 7.98
N GLY A 359 16.39 8.46 6.70
CA GLY A 359 17.40 8.81 5.73
C GLY A 359 16.99 9.90 4.78
N SER A 360 17.98 10.58 4.21
CA SER A 360 17.75 11.44 3.06
C SER A 360 18.48 10.81 1.88
N SER A 361 18.48 11.47 0.74
CA SER A 361 19.13 10.87 -0.42
C SER A 361 19.83 11.88 -1.33
N ILE A 362 20.81 11.37 -2.06
CA ILE A 362 21.44 12.09 -3.15
C ILE A 362 21.51 11.14 -4.34
N SER A 363 21.59 11.69 -5.54
CA SER A 363 21.76 10.85 -6.72
C SER A 363 22.65 11.52 -7.76
N PHE A 364 23.23 10.70 -8.63
CA PHE A 364 24.18 11.15 -9.64
C PHE A 364 23.94 10.39 -10.93
N CYS A 365 24.26 11.01 -12.06
CA CYS A 365 24.22 10.29 -13.33
C CYS A 365 25.57 10.33 -14.03
N GLY A 366 25.91 9.24 -14.72
CA GLY A 366 27.18 9.13 -15.40
C GLY A 366 27.23 9.98 -16.66
N VAL A 367 28.35 10.65 -16.87
CA VAL A 367 28.56 11.46 -18.06
C VAL A 367 29.99 11.32 -18.54
N ASN A 368 30.29 11.86 -19.71
CA ASN A 368 31.65 11.88 -20.21
C ASN A 368 32.22 13.30 -20.30
N SER A 369 31.44 14.26 -19.84
CA SER A 369 31.90 15.64 -19.72
C SER A 369 32.53 15.79 -18.33
N ASP A 370 33.04 16.99 -18.04
CA ASP A 370 33.79 17.19 -16.79
C ASP A 370 32.92 17.06 -15.54
N THR A 371 33.51 16.48 -14.50
CA THR A 371 32.84 16.32 -13.21
C THR A 371 33.81 16.66 -12.08
N VAL A 372 33.32 16.59 -10.85
CA VAL A 372 34.16 16.90 -9.70
C VAL A 372 33.71 16.11 -8.48
N GLY A 373 34.67 15.71 -7.65
CA GLY A 373 34.36 15.08 -6.38
C GLY A 373 34.08 16.13 -5.32
N TRP A 374 33.26 15.77 -4.35
CA TRP A 374 32.97 16.66 -3.23
C TRP A 374 32.32 15.83 -2.15
N SER A 375 31.68 16.50 -1.19
CA SER A 375 30.86 15.82 -0.20
C SER A 375 29.50 16.50 -0.16
N TRP A 376 28.46 15.73 -0.43
CA TRP A 376 27.09 16.21 -0.33
C TRP A 376 26.37 15.41 0.74
N PRO A 377 26.64 15.69 2.02
CA PRO A 377 26.12 14.87 3.12
C PRO A 377 24.71 15.27 3.50
N ASP A 378 24.15 14.57 4.49
CA ASP A 378 22.78 14.82 4.93
C ASP A 378 22.59 16.23 5.46
N GLY A 379 23.44 16.61 6.41
CA GLY A 379 23.46 17.98 6.91
C GLY A 379 22.51 18.32 8.05
N ALA A 380 21.74 17.35 8.53
CA ALA A 380 20.85 17.61 9.65
C ALA A 380 21.63 17.68 10.96
N GLU A 381 21.14 18.49 11.90
CA GLU A 381 21.77 18.60 13.21
C GLU A 381 20.97 17.80 14.23
N LEU A 382 21.57 16.72 14.73
CA LEU A 382 20.92 15.87 15.71
C LEU A 382 21.50 16.12 17.10
N PRO A 383 20.72 15.80 18.15
CA PRO A 383 19.37 15.24 18.08
C PRO A 383 18.32 16.29 17.73
N PHE A 384 17.08 15.82 17.53
CA PHE A 384 15.95 16.70 17.25
C PHE A 384 15.17 17.00 18.53
N THR A 385 14.17 17.87 18.41
CA THR A 385 13.35 18.26 19.55
C THR A 385 12.71 17.06 20.24
N ILE A 386 12.32 16.07 19.44
CA ILE A 386 11.62 14.90 19.95
C ILE A 386 12.52 13.98 20.75
N ASP A 387 13.83 14.14 20.62
CA ASP A 387 14.76 13.23 21.26
C ASP A 387 15.08 13.63 22.68
N SER B 1 -14.68 8.27 -22.74
CA SER B 1 -15.21 7.63 -21.54
C SER B 1 -16.37 6.70 -21.88
N VAL B 2 -16.47 5.57 -21.20
CA VAL B 2 -17.57 4.64 -21.46
C VAL B 2 -18.18 4.10 -20.17
N LYS B 3 -19.51 3.94 -20.17
CA LYS B 3 -20.22 3.40 -19.02
C LYS B 3 -19.68 2.02 -18.64
N LEU B 4 -19.54 1.79 -17.33
CA LEU B 4 -19.22 0.46 -16.82
C LEU B 4 -20.35 -0.50 -17.17
N ALA B 5 -20.02 -1.66 -17.72
CA ALA B 5 -21.04 -2.63 -18.12
C ALA B 5 -21.72 -3.26 -16.90
N GLY B 6 -20.92 -3.73 -15.96
CA GLY B 6 -21.43 -4.33 -14.75
C GLY B 6 -22.16 -5.64 -14.98
N ASN B 7 -21.86 -6.29 -16.10
CA ASN B 7 -22.60 -7.49 -16.48
C ASN B 7 -21.86 -8.81 -16.28
N SER B 8 -20.58 -8.73 -15.91
CA SER B 8 -19.82 -9.95 -15.63
C SER B 8 -20.06 -10.39 -14.19
N SER B 9 -19.65 -11.60 -13.86
CA SER B 9 -19.85 -12.12 -12.51
C SER B 9 -18.74 -11.68 -11.58
N LEU B 10 -18.99 -11.78 -10.29
CA LEU B 10 -17.99 -11.49 -9.27
C LEU B 10 -16.90 -12.56 -9.38
N CYS B 11 -15.64 -12.13 -9.36
CA CYS B 11 -14.52 -13.07 -9.41
C CYS B 11 -14.50 -13.91 -8.14
N PRO B 12 -14.50 -15.25 -8.29
CA PRO B 12 -14.27 -16.07 -7.10
C PRO B 12 -12.83 -15.86 -6.60
N VAL B 13 -12.65 -15.85 -5.28
CA VAL B 13 -11.33 -15.62 -4.70
C VAL B 13 -11.05 -16.54 -3.52
N SER B 14 -9.77 -16.85 -3.32
CA SER B 14 -9.40 -17.79 -2.27
CA SER B 14 -9.29 -17.80 -2.31
C SER B 14 -8.78 -17.09 -1.07
N GLY B 15 -8.43 -15.82 -1.22
CA GLY B 15 -7.80 -15.09 -0.14
C GLY B 15 -7.69 -13.62 -0.47
N TRP B 16 -7.15 -12.87 0.48
CA TRP B 16 -7.16 -11.42 0.40
C TRP B 16 -5.75 -10.85 0.53
N ALA B 17 -5.34 -10.11 -0.50
CA ALA B 17 -4.02 -9.50 -0.54
C ALA B 17 -4.14 -8.05 -0.10
N ILE B 18 -3.23 -7.59 0.75
CA ILE B 18 -3.33 -6.22 1.23
C ILE B 18 -3.09 -5.21 0.11
N TYR B 19 -3.94 -4.18 0.08
CA TYR B 19 -4.00 -3.23 -1.01
C TYR B 19 -3.53 -1.84 -0.58
N SER B 20 -4.00 -1.40 0.59
CA SER B 20 -3.60 -0.09 1.11
C SER B 20 -3.60 0.01 2.62
N LYS B 21 -2.83 0.97 3.14
CA LYS B 21 -2.87 1.35 4.55
C LYS B 21 -2.43 2.80 4.64
N ASP B 22 -3.24 3.64 5.27
CA ASP B 22 -2.96 5.08 5.27
C ASP B 22 -2.23 5.62 6.51
N ASN B 23 -2.31 4.90 7.63
CA ASN B 23 -1.64 5.34 8.85
C ASN B 23 -2.05 6.74 9.29
N SER B 24 -3.31 7.10 9.04
CA SER B 24 -3.77 8.48 9.21
C SER B 24 -3.60 9.02 10.63
N VAL B 25 -3.91 8.21 11.62
CA VAL B 25 -3.88 8.69 13.00
C VAL B 25 -2.44 8.86 13.49
N ARG B 26 -1.58 7.91 13.16
CA ARG B 26 -0.16 8.02 13.46
C ARG B 26 0.43 9.29 12.86
N ILE B 27 0.09 9.54 11.61
CA ILE B 27 0.63 10.71 10.90
C ILE B 27 0.03 12.02 11.44
N GLY B 28 -1.25 11.97 11.80
CA GLY B 28 -1.94 13.16 12.29
C GLY B 28 -1.47 13.65 13.64
N SER B 29 -0.66 12.84 14.32
CA SER B 29 -0.06 13.26 15.58
C SER B 29 0.77 14.53 15.35
N LYS B 30 1.34 14.64 14.16
CA LYS B 30 2.09 15.84 13.79
C LYS B 30 1.54 16.55 12.56
N GLY B 31 1.23 15.76 11.54
CA GLY B 31 0.79 16.31 10.27
C GLY B 31 -0.62 16.88 10.35
N ASP B 32 -1.01 17.58 9.29
CA ASP B 32 -2.33 18.17 9.23
C ASP B 32 -3.29 17.19 8.56
N VAL B 33 -3.89 16.35 9.40
CA VAL B 33 -4.77 15.27 8.95
C VAL B 33 -6.16 15.48 9.53
N PHE B 34 -7.18 15.35 8.69
CA PHE B 34 -8.55 15.51 9.14
C PHE B 34 -8.93 14.49 10.20
N VAL B 35 -9.70 14.93 11.19
CA VAL B 35 -10.47 14.02 12.00
C VAL B 35 -11.56 13.49 11.10
N ILE B 36 -11.67 12.17 10.98
CA ILE B 36 -12.66 11.57 10.10
C ILE B 36 -13.29 10.36 10.76
N ARG B 37 -14.43 9.94 10.22
CA ARG B 37 -14.91 8.59 10.44
C ARG B 37 -15.72 8.20 9.22
N GLU B 38 -16.21 6.97 9.20
CA GLU B 38 -16.99 6.47 8.06
C GLU B 38 -16.26 6.63 6.72
N PRO B 39 -15.01 6.12 6.63
CA PRO B 39 -14.32 6.15 5.35
C PRO B 39 -14.83 5.05 4.45
N PHE B 40 -14.64 5.18 3.15
CA PHE B 40 -14.90 4.08 2.23
C PHE B 40 -14.12 4.29 0.96
N ILE B 41 -13.94 3.22 0.19
CA ILE B 41 -13.23 3.36 -1.07
CA ILE B 41 -13.20 3.28 -1.07
C ILE B 41 -14.14 3.08 -2.25
N SER B 42 -13.86 3.75 -3.35
CA SER B 42 -14.61 3.56 -4.58
C SER B 42 -13.70 3.88 -5.74
N CYS B 43 -13.88 3.17 -6.85
CA CYS B 43 -12.97 3.31 -7.99
C CYS B 43 -13.67 3.81 -9.25
N SER B 44 -12.91 4.46 -10.11
CA SER B 44 -13.37 4.81 -11.44
C SER B 44 -12.70 3.84 -12.42
N PRO B 45 -12.84 4.07 -13.73
CA PRO B 45 -12.08 3.24 -14.65
C PRO B 45 -10.57 3.54 -14.62
N LEU B 46 -10.18 4.60 -13.91
CA LEU B 46 -8.78 5.04 -13.92
C LEU B 46 -8.09 4.99 -12.55
N GLU B 47 -8.84 5.20 -11.47
CA GLU B 47 -8.23 5.28 -10.15
C GLU B 47 -9.17 4.88 -9.02
N CYS B 48 -8.60 4.62 -7.86
CA CYS B 48 -9.38 4.34 -6.66
C CYS B 48 -9.17 5.44 -5.65
N ARG B 49 -10.26 5.85 -5.00
CA ARG B 49 -10.21 6.96 -4.06
C ARG B 49 -10.78 6.54 -2.71
N THR B 50 -10.27 7.16 -1.64
CA THR B 50 -10.85 7.01 -0.33
C THR B 50 -11.76 8.20 -0.07
N PHE B 51 -13.04 7.92 0.20
CA PHE B 51 -13.99 8.94 0.62
C PHE B 51 -14.10 8.88 2.14
N PHE B 52 -14.49 9.99 2.75
CA PHE B 52 -14.57 10.03 4.21
C PHE B 52 -15.40 11.21 4.68
N LEU B 53 -15.97 11.09 5.87
CA LEU B 53 -16.68 12.19 6.48
C LEU B 53 -15.77 12.89 7.48
N THR B 54 -15.34 14.10 7.14
CA THR B 54 -14.54 14.88 8.08
C THR B 54 -15.42 15.37 9.21
N GLN B 55 -14.77 15.87 10.25
CA GLN B 55 -15.45 16.56 11.34
C GLN B 55 -15.09 18.04 11.27
N GLY B 56 -14.65 18.50 10.11
CA GLY B 56 -14.30 19.90 9.93
C GLY B 56 -13.22 20.35 10.90
N ALA B 57 -12.31 19.44 11.22
CA ALA B 57 -11.25 19.71 12.18
C ALA B 57 -10.06 18.80 11.93
N LEU B 58 -8.90 19.17 12.48
CA LEU B 58 -7.69 18.37 12.34
C LEU B 58 -7.35 17.64 13.63
N LEU B 59 -6.66 16.51 13.49
CA LEU B 59 -6.16 15.77 14.64
C LEU B 59 -5.18 16.60 15.45
N ASN B 60 -5.22 16.40 16.76
CA ASN B 60 -4.34 17.09 17.71
C ASN B 60 -4.57 18.59 17.78
N ASP B 61 -5.77 19.01 17.41
CA ASP B 61 -6.21 20.39 17.57
C ASP B 61 -7.47 20.45 18.42
N LYS B 62 -7.70 21.58 19.09
CA LYS B 62 -8.82 21.67 20.02
C LYS B 62 -10.18 21.45 19.36
N HIS B 63 -10.27 21.71 18.06
CA HIS B 63 -11.55 21.56 17.37
C HIS B 63 -11.92 20.09 17.16
N SER B 64 -11.01 19.19 17.51
CA SER B 64 -11.30 17.75 17.47
C SER B 64 -12.11 17.35 18.70
N ASN B 65 -12.27 18.27 19.63
CA ASN B 65 -13.03 18.00 20.83
C ASN B 65 -14.48 17.63 20.51
N GLY B 66 -14.98 16.58 21.15
CA GLY B 66 -16.37 16.18 21.02
C GLY B 66 -16.72 15.43 19.76
N THR B 67 -15.71 14.98 19.02
CA THR B 67 -15.95 14.35 17.72
C THR B 67 -16.50 12.93 17.78
N ILE B 68 -16.81 12.44 18.98
CA ILE B 68 -17.60 11.22 19.07
C ILE B 68 -18.98 11.47 18.49
N LYS B 69 -19.39 12.74 18.47
CA LYS B 69 -20.71 13.12 17.96
C LYS B 69 -20.88 12.78 16.48
N ASP B 70 -22.01 12.19 16.13
CA ASP B 70 -22.22 11.67 14.78
C ASP B 70 -22.56 12.70 13.71
N ARG B 71 -23.39 13.68 14.07
CA ARG B 71 -23.92 14.62 13.08
C ARG B 71 -23.74 16.07 13.51
N SER B 72 -23.32 16.91 12.57
CA SER B 72 -23.14 18.33 12.83
C SER B 72 -23.13 19.04 11.49
N PRO B 73 -23.26 20.37 11.51
CA PRO B 73 -23.18 21.13 10.25
C PRO B 73 -21.75 21.25 9.72
N TYR B 74 -20.76 20.76 10.46
CA TYR B 74 -19.37 20.93 10.05
C TYR B 74 -18.86 19.74 9.25
N ARG B 75 -19.55 18.62 9.34
CA ARG B 75 -19.09 17.41 8.66
C ARG B 75 -19.21 17.54 7.15
N THR B 76 -18.16 17.13 6.45
CA THR B 76 -18.15 17.18 5.00
C THR B 76 -17.62 15.89 4.41
N LEU B 77 -18.19 15.49 3.27
CA LEU B 77 -17.66 14.37 2.50
C LEU B 77 -16.54 14.88 1.61
N MET B 78 -15.38 14.27 1.73
CA MET B 78 -14.23 14.61 0.91
C MET B 78 -13.58 13.33 0.45
N SER B 79 -12.62 13.42 -0.47
CA SER B 79 -11.93 12.23 -0.96
C SER B 79 -10.48 12.52 -1.29
N CYS B 80 -9.67 11.47 -1.27
CA CYS B 80 -8.27 11.58 -1.66
C CYS B 80 -7.86 10.26 -2.30
N PRO B 81 -6.69 10.24 -2.96
CA PRO B 81 -6.26 8.97 -3.55
C PRO B 81 -6.09 7.89 -2.48
N ILE B 82 -6.37 6.65 -2.84
CA ILE B 82 -6.31 5.56 -1.88
C ILE B 82 -4.92 5.45 -1.26
N GLY B 83 -4.88 5.23 0.05
CA GLY B 83 -3.62 5.03 0.76
C GLY B 83 -2.98 6.30 1.29
N GLU B 84 -3.45 7.46 0.84
CA GLU B 84 -2.93 8.73 1.33
C GLU B 84 -3.72 9.17 2.57
N VAL B 85 -3.08 9.92 3.45
CA VAL B 85 -3.81 10.45 4.60
C VAL B 85 -4.76 11.53 4.13
N PRO B 86 -5.94 11.62 4.75
CA PRO B 86 -6.90 12.67 4.41
C PRO B 86 -6.46 14.00 4.99
N SER B 87 -5.90 14.86 4.16
CA SER B 87 -5.43 16.17 4.61
CA SER B 87 -5.45 16.18 4.62
C SER B 87 -6.11 17.28 3.82
N PRO B 88 -6.17 18.49 4.39
CA PRO B 88 -6.72 19.60 3.61
C PRO B 88 -5.85 19.88 2.37
N TYR B 89 -4.64 19.34 2.32
CA TYR B 89 -3.73 19.65 1.23
C TYR B 89 -3.76 18.65 0.08
N ASN B 90 -4.47 17.54 0.25
CA ASN B 90 -4.56 16.53 -0.81
C ASN B 90 -5.98 16.03 -1.04
N SER B 91 -6.96 16.65 -0.38
CA SER B 91 -8.34 16.16 -0.43
C SER B 91 -9.25 17.01 -1.30
N ARG B 92 -10.05 16.32 -2.13
CA ARG B 92 -11.08 16.93 -2.96
C ARG B 92 -12.33 17.12 -2.12
N PHE B 93 -12.94 18.30 -2.19
CA PHE B 93 -14.23 18.50 -1.53
C PHE B 93 -15.35 17.89 -2.36
N GLU B 94 -16.23 17.13 -1.71
CA GLU B 94 -17.35 16.50 -2.41
C GLU B 94 -18.71 17.09 -2.05
N SER B 95 -19.06 17.06 -0.76
CA SER B 95 -20.39 17.46 -0.32
C SER B 95 -20.38 17.82 1.17
N VAL B 96 -21.37 18.58 1.62
CA VAL B 96 -21.57 18.77 3.05
C VAL B 96 -22.41 17.59 3.51
N ALA B 97 -21.93 16.83 4.48
CA ALA B 97 -22.56 15.55 4.75
C ALA B 97 -22.18 14.94 6.09
N TRP B 98 -23.16 14.38 6.78
CA TRP B 98 -22.90 13.51 7.92
C TRP B 98 -23.31 12.07 7.64
N SER B 99 -23.78 11.81 6.41
CA SER B 99 -23.99 10.46 5.90
C SER B 99 -23.81 10.52 4.40
N ALA B 100 -23.25 9.49 3.79
CA ALA B 100 -22.86 9.61 2.39
C ALA B 100 -22.72 8.29 1.62
N SER B 101 -22.71 8.44 0.30
CA SER B 101 -22.34 7.36 -0.61
CA SER B 101 -22.36 7.36 -0.62
C SER B 101 -21.71 7.98 -1.85
N ALA B 102 -20.98 7.19 -2.61
CA ALA B 102 -20.39 7.68 -3.85
C ALA B 102 -20.06 6.51 -4.76
N CYS B 103 -20.09 6.76 -6.07
CA CYS B 103 -19.70 5.75 -7.04
C CYS B 103 -19.56 6.36 -8.43
N HIS B 104 -18.78 5.69 -9.27
CA HIS B 104 -18.46 6.18 -10.60
C HIS B 104 -19.13 5.29 -11.64
N ASP B 105 -19.86 5.87 -12.58
CA ASP B 105 -20.59 5.07 -13.55
C ASP B 105 -19.76 4.74 -14.79
N GLY B 106 -18.50 5.18 -14.79
CA GLY B 106 -17.63 5.02 -15.94
C GLY B 106 -17.38 6.34 -16.64
N ILE B 107 -18.31 7.28 -16.44
CA ILE B 107 -18.20 8.61 -17.04
C ILE B 107 -17.86 9.67 -16.00
N ASN B 108 -18.66 9.73 -14.94
CA ASN B 108 -18.44 10.71 -13.87
C ASN B 108 -18.75 10.15 -12.49
N TRP B 109 -18.29 10.87 -11.48
CA TRP B 109 -18.60 10.54 -10.09
C TRP B 109 -20.00 10.97 -9.69
N LEU B 110 -20.72 10.06 -9.04
CA LEU B 110 -21.93 10.39 -8.32
C LEU B 110 -21.57 10.47 -6.85
N THR B 111 -21.95 11.56 -6.19
CA THR B 111 -21.81 11.63 -4.75
C THR B 111 -23.17 11.95 -4.13
N ILE B 112 -23.41 11.39 -2.96
CA ILE B 112 -24.64 11.64 -2.23
C ILE B 112 -24.26 12.05 -0.83
N GLY B 113 -24.64 13.25 -0.43
CA GLY B 113 -24.29 13.76 0.88
C GLY B 113 -25.52 14.26 1.62
N ILE B 114 -25.76 13.69 2.80
CA ILE B 114 -26.91 14.07 3.60
C ILE B 114 -26.51 15.04 4.71
N SER B 115 -27.19 16.17 4.76
CA SER B 115 -26.98 17.13 5.85
C SER B 115 -28.33 17.68 6.29
N GLY B 116 -28.30 18.66 7.19
CA GLY B 116 -29.53 19.22 7.71
C GLY B 116 -29.90 18.62 9.05
N PRO B 117 -31.05 19.03 9.60
CA PRO B 117 -31.51 18.62 10.93
C PRO B 117 -31.98 17.16 10.95
N ASP B 118 -31.93 16.54 12.14
CA ASP B 118 -32.36 15.16 12.29
C ASP B 118 -33.80 14.95 11.82
N ASN B 119 -34.64 15.97 11.98
CA ASN B 119 -36.05 15.82 11.66
C ASN B 119 -36.44 16.22 10.23
N GLY B 120 -35.45 16.49 9.40
CA GLY B 120 -35.73 16.90 8.03
C GLY B 120 -34.51 16.94 7.14
N ALA B 121 -33.65 15.93 7.27
CA ALA B 121 -32.40 15.90 6.52
C ALA B 121 -32.63 15.81 5.01
N VAL B 122 -31.68 16.33 4.26
CA VAL B 122 -31.75 16.32 2.81
C VAL B 122 -30.49 15.71 2.19
N ALA B 123 -30.68 14.71 1.35
CA ALA B 123 -29.59 14.15 0.56
C ALA B 123 -29.39 14.99 -0.69
N VAL B 124 -28.19 15.52 -0.86
CA VAL B 124 -27.84 16.25 -2.07
C VAL B 124 -27.04 15.33 -2.98
N LEU B 125 -27.56 15.14 -4.20
CA LEU B 125 -26.87 14.31 -5.19
C LEU B 125 -26.10 15.19 -6.16
N LYS B 126 -24.84 14.82 -6.42
CA LYS B 126 -24.02 15.52 -7.39
C LYS B 126 -23.49 14.55 -8.43
N TYR B 127 -23.40 15.03 -9.67
CA TYR B 127 -22.79 14.27 -10.75
C TYR B 127 -21.72 15.18 -11.32
N ASN B 128 -20.48 14.73 -11.30
CA ASN B 128 -19.35 15.58 -11.68
C ASN B 128 -19.33 16.88 -10.87
N GLY B 129 -19.74 16.78 -9.61
CA GLY B 129 -19.65 17.91 -8.70
C GLY B 129 -20.72 18.98 -8.87
N ILE B 130 -21.69 18.70 -9.74
CA ILE B 130 -22.81 19.61 -9.96
C ILE B 130 -24.06 19.02 -9.32
N ILE B 131 -24.82 19.82 -8.58
CA ILE B 131 -26.03 19.30 -7.97
C ILE B 131 -27.05 18.89 -9.03
N THR B 132 -27.53 17.66 -8.93
CA THR B 132 -28.41 17.09 -9.94
C THR B 132 -29.76 16.64 -9.36
N ASP B 133 -29.82 16.48 -8.04
CA ASP B 133 -31.08 16.09 -7.42
C ASP B 133 -30.98 16.22 -5.90
N THR B 134 -32.13 16.20 -5.24
CA THR B 134 -32.16 16.08 -3.80
C THR B 134 -33.29 15.14 -3.42
N ILE B 135 -33.17 14.53 -2.25
CA ILE B 135 -34.29 13.79 -1.69
C ILE B 135 -34.33 14.06 -0.18
N LYS B 136 -35.52 14.37 0.31
CA LYS B 136 -35.67 14.77 1.70
C LYS B 136 -36.27 13.67 2.54
N SER B 137 -35.87 13.66 3.81
CA SER B 137 -36.40 12.75 4.81
C SER B 137 -37.91 12.56 4.66
N TRP B 138 -38.36 11.31 4.62
CA TRP B 138 -39.78 11.01 4.48
C TRP B 138 -40.41 10.50 5.79
N ARG B 139 -39.57 10.21 6.78
CA ARG B 139 -40.05 9.81 8.10
C ARG B 139 -39.58 10.78 9.19
N ASN B 140 -38.85 11.82 8.78
CA ASN B 140 -38.39 12.84 9.71
C ASN B 140 -37.57 12.29 10.88
N ASN B 141 -36.78 11.25 10.61
CA ASN B 141 -36.00 10.61 11.67
C ASN B 141 -34.65 10.10 11.18
N ILE B 142 -33.73 11.05 10.98
CA ILE B 142 -32.37 10.79 10.55
C ILE B 142 -32.25 10.00 9.25
N LEU B 143 -32.63 10.63 8.15
CA LEU B 143 -32.38 10.05 6.83
C LEU B 143 -30.91 9.70 6.77
N ARG B 144 -30.60 8.48 6.31
CA ARG B 144 -29.22 8.01 6.34
C ARG B 144 -28.97 6.98 5.25
N THR B 145 -27.72 6.86 4.82
CA THR B 145 -27.42 5.99 3.70
C THR B 145 -26.20 5.07 3.96
N GLN B 146 -25.53 4.64 2.91
CA GLN B 146 -24.60 3.50 2.99
C GLN B 146 -23.34 3.67 3.82
N GLU B 147 -22.70 4.84 3.70
CA GLU B 147 -21.33 5.04 4.17
C GLU B 147 -20.37 4.08 3.45
N SER B 148 -20.73 3.71 2.23
CA SER B 148 -19.81 3.00 1.34
C SER B 148 -20.28 3.23 -0.10
N GLU B 149 -19.58 2.66 -1.06
CA GLU B 149 -19.86 2.97 -2.45
C GLU B 149 -21.23 2.47 -2.92
N CYS B 150 -21.90 3.26 -3.75
CA CYS B 150 -23.07 2.78 -4.45
C CYS B 150 -22.60 1.85 -5.56
N ALA B 151 -23.54 1.25 -6.29
CA ALA B 151 -23.20 0.25 -7.29
C ALA B 151 -23.76 0.62 -8.66
N CYS B 152 -22.94 0.47 -9.69
CA CYS B 152 -23.34 0.91 -11.03
C CYS B 152 -23.37 -0.22 -12.05
N VAL B 153 -24.41 -0.22 -12.87
CA VAL B 153 -24.55 -1.16 -13.97
C VAL B 153 -25.11 -0.43 -15.18
N ASN B 154 -24.38 -0.46 -16.29
CA ASN B 154 -24.83 0.11 -17.55
C ASN B 154 -25.40 1.53 -17.45
N GLY B 155 -24.72 2.40 -16.72
CA GLY B 155 -25.10 3.79 -16.66
C GLY B 155 -26.12 4.13 -15.59
N SER B 156 -26.56 3.11 -14.85
CA SER B 156 -27.46 3.32 -13.73
C SER B 156 -26.73 2.97 -12.44
N CYS B 157 -26.86 3.83 -11.44
CA CYS B 157 -26.26 3.56 -10.14
C CYS B 157 -27.35 3.40 -9.09
N PHE B 158 -27.06 2.60 -8.08
CA PHE B 158 -28.07 2.19 -7.12
C PHE B 158 -27.59 2.35 -5.68
N THR B 159 -28.49 2.78 -4.82
CA THR B 159 -28.17 2.91 -3.41
C THR B 159 -29.39 2.59 -2.55
N VAL B 160 -29.19 2.52 -1.25
CA VAL B 160 -30.26 2.27 -0.29
C VAL B 160 -30.20 3.35 0.78
N MET B 161 -31.36 3.85 1.18
CA MET B 161 -31.45 4.81 2.28
C MET B 161 -32.48 4.37 3.31
N THR B 162 -32.28 4.79 4.54
CA THR B 162 -33.16 4.43 5.64
C THR B 162 -33.62 5.69 6.36
N ASP B 163 -34.86 5.67 6.86
CA ASP B 163 -35.40 6.77 7.63
C ASP B 163 -36.31 6.15 8.69
N GLY B 164 -36.17 6.59 9.93
CA GLY B 164 -36.92 6.00 11.03
C GLY B 164 -36.02 5.53 12.14
N PRO B 165 -36.59 4.83 13.13
CA PRO B 165 -35.87 4.39 14.34
C PRO B 165 -34.69 3.47 14.05
N SER B 166 -33.69 3.50 14.92
CA SER B 166 -32.57 2.58 14.85
C SER B 166 -32.78 1.43 15.84
N ASN B 167 -33.86 1.51 16.60
CA ASN B 167 -34.18 0.49 17.61
C ASN B 167 -35.56 -0.11 17.43
N GLY B 168 -36.05 -0.11 16.20
CA GLY B 168 -37.36 -0.64 15.89
C GLY B 168 -37.59 -0.57 14.39
N GLN B 169 -38.80 -0.93 13.97
CA GLN B 169 -39.12 -0.93 12.54
C GLN B 169 -38.86 0.45 11.93
N ALA B 170 -38.15 0.47 10.82
CA ALA B 170 -37.93 1.70 10.08
C ALA B 170 -38.37 1.54 8.62
N SER B 171 -38.03 2.53 7.80
CA SER B 171 -38.41 2.53 6.39
CA SER B 171 -38.39 2.53 6.39
C SER B 171 -37.14 2.50 5.52
N TYR B 172 -37.14 1.61 4.52
CA TYR B 172 -35.97 1.41 3.67
C TYR B 172 -36.35 1.58 2.21
N LYS B 173 -35.61 2.42 1.49
CA LYS B 173 -35.88 2.63 0.06
C LYS B 173 -34.67 2.34 -0.81
N ILE B 174 -34.93 1.77 -1.98
CA ILE B 174 -33.90 1.56 -2.99
C ILE B 174 -34.05 2.63 -4.07
N PHE B 175 -32.93 3.11 -4.60
CA PHE B 175 -32.96 4.16 -5.61
C PHE B 175 -32.17 3.77 -6.85
N ARG B 176 -32.71 4.11 -8.01
CA ARG B 176 -31.98 4.01 -9.26
C ARG B 176 -31.69 5.43 -9.74
N ILE B 177 -30.42 5.69 -10.03
CA ILE B 177 -29.94 7.04 -10.31
C ILE B 177 -29.19 7.04 -11.63
N GLU B 178 -29.53 7.98 -12.50
CA GLU B 178 -28.86 8.09 -13.79
C GLU B 178 -28.36 9.52 -13.99
N LYS B 179 -27.06 9.65 -14.22
CA LYS B 179 -26.43 10.97 -14.31
C LYS B 179 -26.83 11.87 -13.15
N GLY B 180 -26.87 11.29 -11.94
CA GLY B 180 -27.15 12.04 -10.73
C GLY B 180 -28.61 12.32 -10.47
N LYS B 181 -29.49 11.84 -11.35
CA LYS B 181 -30.92 12.07 -11.21
C LYS B 181 -31.63 10.79 -10.76
N ILE B 182 -32.47 10.90 -9.74
CA ILE B 182 -33.28 9.76 -9.33
C ILE B 182 -34.35 9.50 -10.38
N VAL B 183 -34.31 8.32 -10.98
CA VAL B 183 -35.26 7.97 -12.04
C VAL B 183 -36.28 6.94 -11.58
N LYS B 184 -35.99 6.31 -10.44
CA LYS B 184 -36.93 5.37 -9.85
C LYS B 184 -36.54 5.08 -8.40
N SER B 185 -37.55 4.85 -7.57
CA SER B 185 -37.32 4.40 -6.21
C SER B 185 -38.44 3.47 -5.80
N VAL B 186 -38.17 2.60 -4.83
CA VAL B 186 -39.21 1.75 -4.28
C VAL B 186 -38.96 1.59 -2.80
N GLU B 187 -40.03 1.53 -2.02
CA GLU B 187 -39.88 1.21 -0.61
C GLU B 187 -39.93 -0.29 -0.40
N MET B 188 -38.93 -0.83 0.29
CA MET B 188 -38.89 -2.25 0.58
C MET B 188 -39.98 -2.63 1.57
N ASN B 189 -40.73 -3.67 1.24
CA ASN B 189 -41.73 -4.24 2.13
C ASN B 189 -41.03 -5.27 3.01
N ALA B 190 -40.50 -4.81 4.15
CA ALA B 190 -39.66 -5.66 4.99
C ALA B 190 -40.08 -5.60 6.46
N PRO B 191 -41.34 -5.98 6.75
CA PRO B 191 -41.73 -6.00 8.16
C PRO B 191 -40.83 -6.93 8.95
N ASN B 192 -40.40 -6.48 10.12
CA ASN B 192 -39.53 -7.25 11.02
C ASN B 192 -38.05 -7.30 10.60
N TYR B 193 -37.73 -6.66 9.48
CA TYR B 193 -36.34 -6.50 9.06
C TYR B 193 -35.85 -5.13 9.50
N HIS B 194 -34.54 -4.98 9.61
CA HIS B 194 -33.93 -3.66 9.82
C HIS B 194 -32.69 -3.53 8.95
N TYR B 195 -32.63 -2.45 8.16
CA TYR B 195 -31.51 -2.18 7.27
C TYR B 195 -30.84 -0.83 7.55
N GLU B 196 -29.54 -0.86 7.74
CA GLU B 196 -28.73 0.36 7.85
C GLU B 196 -27.42 0.14 7.13
N GLU B 197 -26.86 1.22 6.58
CA GLU B 197 -25.45 1.20 6.14
C GLU B 197 -25.12 0.04 5.20
N CYS B 198 -25.89 -0.11 4.14
CA CYS B 198 -25.71 -1.22 3.21
C CYS B 198 -24.39 -1.15 2.45
N SER B 199 -23.76 -2.32 2.33
CA SER B 199 -22.61 -2.49 1.44
C SER B 199 -23.11 -3.19 0.19
N CYS B 200 -23.18 -2.46 -0.91
CA CYS B 200 -23.78 -2.95 -2.15
C CYS B 200 -22.74 -3.09 -3.25
N TYR B 201 -22.83 -4.16 -4.02
CA TYR B 201 -21.93 -4.38 -5.15
C TYR B 201 -22.70 -4.97 -6.32
N PRO B 202 -22.20 -4.74 -7.55
CA PRO B 202 -22.79 -5.33 -8.75
C PRO B 202 -22.24 -6.72 -9.04
N ASP B 203 -23.07 -7.57 -9.64
CA ASP B 203 -22.73 -8.95 -9.92
C ASP B 203 -23.70 -9.43 -10.98
N SER B 204 -23.21 -9.65 -12.19
CA SER B 204 -24.04 -10.14 -13.28
C SER B 204 -25.29 -9.28 -13.49
N SER B 205 -25.09 -7.96 -13.58
CA SER B 205 -26.14 -7.00 -13.91
C SER B 205 -27.15 -6.72 -12.80
N GLU B 206 -26.94 -7.34 -11.64
CA GLU B 206 -27.84 -7.15 -10.51
C GLU B 206 -27.05 -6.69 -9.29
N ILE B 207 -27.76 -6.13 -8.31
CA ILE B 207 -27.10 -5.56 -7.14
C ILE B 207 -27.39 -6.39 -5.90
N THR B 208 -26.35 -6.66 -5.12
CA THR B 208 -26.50 -7.34 -3.83
C THR B 208 -26.00 -6.43 -2.73
N CYS B 209 -26.82 -6.24 -1.70
CA CYS B 209 -26.44 -5.41 -0.55
C CYS B 209 -26.50 -6.23 0.72
N VAL B 210 -25.46 -6.08 1.54
CA VAL B 210 -25.41 -6.71 2.86
C VAL B 210 -25.30 -5.59 3.87
N CYS B 211 -26.18 -5.59 4.86
CA CYS B 211 -26.37 -4.39 5.67
C CYS B 211 -26.28 -4.66 7.18
N ARG B 212 -26.77 -3.70 7.96
CA ARG B 212 -26.69 -3.75 9.41
C ARG B 212 -28.10 -3.66 10.02
N ASP B 213 -28.46 -4.67 10.80
CA ASP B 213 -29.72 -4.66 11.54
C ASP B 213 -29.41 -4.15 12.93
N ASN B 214 -29.89 -2.96 13.25
CA ASN B 214 -29.57 -2.36 14.55
C ASN B 214 -30.64 -2.63 15.59
N TRP B 215 -31.72 -3.25 15.14
CA TRP B 215 -32.91 -3.44 15.96
C TRP B 215 -32.86 -4.76 16.73
N HIS B 216 -32.72 -5.87 16.01
CA HIS B 216 -32.82 -7.17 16.66
C HIS B 216 -32.21 -8.31 15.86
N GLY B 217 -31.09 -8.07 15.20
CA GLY B 217 -30.41 -9.11 14.45
C GLY B 217 -28.90 -9.07 14.59
N SER B 218 -28.31 -10.19 14.97
CA SER B 218 -26.86 -10.28 15.10
C SER B 218 -26.23 -10.93 13.86
N ASN B 219 -27.09 -11.44 12.99
CA ASN B 219 -26.67 -11.76 11.63
C ASN B 219 -27.03 -10.57 10.74
N ARG B 220 -26.54 -10.55 9.51
CA ARG B 220 -26.75 -9.40 8.63
C ARG B 220 -27.90 -9.59 7.65
N PRO B 221 -28.74 -8.56 7.51
CA PRO B 221 -29.80 -8.59 6.51
C PRO B 221 -29.21 -8.33 5.14
N TRP B 222 -29.87 -8.84 4.10
CA TRP B 222 -29.45 -8.54 2.74
C TRP B 222 -30.64 -8.18 1.87
N VAL B 223 -30.36 -7.42 0.81
CA VAL B 223 -31.37 -7.14 -0.21
C VAL B 223 -30.67 -7.16 -1.56
N SER B 224 -31.28 -7.84 -2.52
CA SER B 224 -30.74 -7.90 -3.86
C SER B 224 -31.82 -7.49 -4.84
N PHE B 225 -31.42 -6.88 -5.94
CA PHE B 225 -32.39 -6.36 -6.89
C PHE B 225 -31.82 -6.21 -8.30
N ASN B 226 -32.70 -6.22 -9.29
CA ASN B 226 -32.29 -5.94 -10.65
C ASN B 226 -32.43 -4.46 -10.97
N GLN B 227 -32.13 -4.09 -12.21
CA GLN B 227 -32.11 -2.68 -12.59
C GLN B 227 -33.50 -2.05 -12.51
N ASN B 228 -34.53 -2.88 -12.53
CA ASN B 228 -35.89 -2.39 -12.41
C ASN B 228 -36.35 -2.33 -10.95
N LEU B 229 -35.42 -2.60 -10.05
CA LEU B 229 -35.67 -2.54 -8.61
C LEU B 229 -36.65 -3.60 -8.11
N GLU B 230 -36.79 -4.68 -8.87
CA GLU B 230 -37.48 -5.86 -8.38
C GLU B 230 -36.51 -6.51 -7.40
N TYR B 231 -36.92 -6.66 -6.15
CA TYR B 231 -35.97 -7.07 -5.11
C TYR B 231 -36.35 -8.36 -4.40
N GLN B 232 -35.36 -8.92 -3.71
CA GLN B 232 -35.57 -10.00 -2.75
C GLN B 232 -34.87 -9.62 -1.46
N ILE B 233 -35.37 -10.14 -0.35
CA ILE B 233 -34.76 -9.86 0.95
C ILE B 233 -34.56 -11.12 1.77
N GLY B 234 -33.64 -11.04 2.72
CA GLY B 234 -33.39 -12.13 3.65
C GLY B 234 -32.33 -11.77 4.66
N TYR B 235 -31.90 -12.74 5.45
CA TYR B 235 -30.74 -12.58 6.33
C TYR B 235 -29.73 -13.67 6.01
N ILE B 236 -28.45 -13.37 6.19
CA ILE B 236 -27.42 -14.39 6.04
C ILE B 236 -27.65 -15.49 7.08
N CYS B 237 -27.73 -16.74 6.60
CA CYS B 237 -28.17 -17.86 7.42
C CYS B 237 -27.10 -18.43 8.35
N SER B 238 -25.84 -18.23 7.98
CA SER B 238 -24.72 -18.85 8.69
C SER B 238 -24.73 -18.63 10.20
N GLY B 239 -24.34 -19.67 10.93
CA GLY B 239 -24.15 -19.59 12.38
C GLY B 239 -22.87 -18.85 12.72
N ILE B 240 -22.10 -18.52 11.69
CA ILE B 240 -20.97 -17.62 11.82
C ILE B 240 -21.54 -16.21 11.74
N PHE B 241 -21.98 -15.69 12.87
CA PHE B 241 -22.72 -14.42 12.89
C PHE B 241 -21.84 -13.24 12.47
N GLY B 242 -22.40 -12.33 11.68
CA GLY B 242 -21.61 -11.30 11.06
C GLY B 242 -21.57 -9.94 11.72
N ASP B 243 -22.54 -9.65 12.58
CA ASP B 243 -22.63 -8.32 13.18
C ASP B 243 -21.75 -8.20 14.41
N ASN B 244 -21.70 -7.00 14.97
CA ASN B 244 -21.04 -6.74 16.25
C ASN B 244 -21.89 -5.71 16.97
N PRO B 245 -22.39 -6.05 18.18
CA PRO B 245 -22.16 -7.28 18.92
C PRO B 245 -22.88 -8.49 18.33
N ARG B 246 -22.63 -9.65 18.91
CA ARG B 246 -23.23 -10.90 18.46
C ARG B 246 -22.97 -11.95 19.53
N PRO B 247 -23.65 -13.10 19.43
CA PRO B 247 -23.36 -14.22 20.32
C PRO B 247 -22.17 -15.00 19.81
N ASN B 248 -21.67 -15.94 20.61
CA ASN B 248 -20.72 -16.91 20.12
C ASN B 248 -21.37 -17.71 18.99
N ASP B 249 -20.56 -18.16 18.04
CA ASP B 249 -21.08 -18.92 16.90
C ASP B 249 -21.87 -20.14 17.35
N LYS B 250 -23.02 -20.35 16.73
CA LYS B 250 -23.88 -21.48 17.02
C LYS B 250 -24.83 -21.62 15.85
N THR B 251 -25.86 -22.45 15.97
CA THR B 251 -26.81 -22.59 14.88
C THR B 251 -27.46 -21.25 14.58
N GLY B 252 -27.44 -20.85 13.31
CA GLY B 252 -27.94 -19.55 12.91
C GLY B 252 -29.39 -19.56 12.48
N SER B 253 -29.80 -18.49 11.80
CA SER B 253 -31.16 -18.35 11.32
C SER B 253 -31.19 -17.60 10.00
N CYS B 254 -32.17 -17.92 9.16
CA CYS B 254 -32.36 -17.20 7.92
C CYS B 254 -33.22 -15.97 8.15
N GLY B 255 -33.65 -15.78 9.39
CA GLY B 255 -34.29 -14.55 9.82
C GLY B 255 -33.39 -13.85 10.83
N PRO B 256 -33.83 -12.70 11.37
CA PRO B 256 -32.99 -11.97 12.32
C PRO B 256 -32.71 -12.77 13.59
N VAL B 257 -31.44 -12.89 13.95
CA VAL B 257 -31.04 -13.57 15.19
C VAL B 257 -31.13 -12.59 16.34
N SER B 258 -32.08 -12.83 17.25
CA SER B 258 -32.38 -11.87 18.31
C SER B 258 -31.28 -11.74 19.36
N SER B 259 -30.59 -12.85 19.65
CA SER B 259 -29.54 -12.83 20.67
C SER B 259 -28.47 -11.77 20.34
N ASN B 260 -28.27 -10.84 21.27
CA ASN B 260 -27.31 -9.76 21.08
C ASN B 260 -27.57 -8.98 19.80
N GLY B 261 -28.83 -8.93 19.39
CA GLY B 261 -29.20 -8.37 18.11
C GLY B 261 -29.26 -6.86 18.03
N ALA B 262 -29.55 -6.21 19.15
CA ALA B 262 -29.60 -4.76 19.16
C ALA B 262 -28.22 -4.19 18.89
N ASN B 263 -28.20 -2.98 18.31
CA ASN B 263 -26.97 -2.30 17.96
C ASN B 263 -26.26 -3.04 16.84
N GLY B 264 -25.05 -2.64 16.50
CA GLY B 264 -24.39 -3.26 15.36
C GLY B 264 -23.20 -2.46 14.88
N VAL B 265 -22.67 -2.88 13.74
CA VAL B 265 -21.59 -2.17 13.09
C VAL B 265 -21.79 -2.33 11.58
N LYS B 266 -21.42 -1.31 10.82
CA LYS B 266 -21.48 -1.45 9.37
C LYS B 266 -20.53 -2.56 8.96
N GLY B 267 -21.01 -3.43 8.07
CA GLY B 267 -20.18 -4.49 7.53
C GLY B 267 -20.56 -4.87 6.12
N PHE B 268 -20.04 -6.00 5.67
CA PHE B 268 -20.27 -6.47 4.31
C PHE B 268 -20.10 -7.98 4.25
N SER B 269 -20.53 -8.56 3.13
CA SER B 269 -20.24 -9.94 2.80
C SER B 269 -20.40 -10.09 1.29
N PHE B 270 -19.72 -11.08 0.71
CA PHE B 270 -19.84 -11.38 -0.70
C PHE B 270 -20.50 -12.73 -0.91
N LYS B 271 -21.59 -12.74 -1.66
CA LYS B 271 -22.33 -13.97 -1.95
C LYS B 271 -21.75 -14.69 -3.16
N TYR B 272 -21.53 -16.00 -3.00
CA TYR B 272 -21.17 -16.86 -4.12
C TYR B 272 -22.05 -18.11 -4.08
N GLY B 273 -23.18 -18.06 -4.77
CA GLY B 273 -24.15 -19.14 -4.70
C GLY B 273 -24.64 -19.33 -3.27
N ASN B 274 -24.53 -20.55 -2.75
CA ASN B 274 -24.89 -20.82 -1.37
C ASN B 274 -23.82 -20.36 -0.39
N GLY B 275 -22.64 -20.02 -0.93
CA GLY B 275 -21.50 -19.68 -0.11
C GLY B 275 -21.38 -18.20 0.17
N VAL B 276 -20.53 -17.85 1.12
CA VAL B 276 -20.36 -16.45 1.47
C VAL B 276 -18.99 -16.18 2.07
N TRP B 277 -18.37 -15.08 1.64
CA TRP B 277 -17.20 -14.54 2.31
C TRP B 277 -17.70 -13.51 3.30
N ILE B 278 -17.47 -13.78 4.58
CA ILE B 278 -17.90 -12.90 5.65
C ILE B 278 -16.72 -12.15 6.23
N GLY B 279 -16.79 -10.83 6.27
CA GLY B 279 -15.83 -10.03 7.02
C GLY B 279 -16.46 -9.66 8.34
N ARG B 280 -15.75 -9.85 9.44
CA ARG B 280 -16.30 -9.50 10.75
C ARG B 280 -15.21 -9.17 11.77
N THR B 281 -15.62 -8.52 12.85
CA THR B 281 -14.72 -8.29 13.98
C THR B 281 -14.32 -9.63 14.57
N LYS B 282 -13.25 -9.66 15.35
CA LYS B 282 -12.89 -10.87 16.07
C LYS B 282 -13.61 -10.96 17.41
N SER B 283 -13.82 -9.82 18.06
CA SER B 283 -14.55 -9.78 19.31
C SER B 283 -16.06 -9.88 19.07
N ILE B 284 -16.76 -10.58 19.94
CA ILE B 284 -18.22 -10.67 19.82
C ILE B 284 -18.92 -9.49 20.46
N SER B 285 -18.20 -8.72 21.28
CA SER B 285 -18.84 -7.67 22.08
C SER B 285 -18.38 -6.25 21.77
N SER B 286 -17.25 -6.11 21.10
CA SER B 286 -16.67 -4.79 20.84
CA SER B 286 -16.70 -4.78 20.82
C SER B 286 -16.05 -4.72 19.46
N ARG B 287 -15.79 -3.49 18.98
CA ARG B 287 -15.20 -3.29 17.66
C ARG B 287 -13.70 -3.52 17.69
N ASN B 288 -13.32 -4.78 17.88
CA ASN B 288 -11.93 -5.19 17.98
C ASN B 288 -11.63 -6.35 17.06
N GLY B 289 -10.50 -6.27 16.35
CA GLY B 289 -10.07 -7.32 15.45
C GLY B 289 -10.85 -7.34 14.15
N PHE B 290 -10.32 -8.08 13.19
CA PHE B 290 -11.04 -8.32 11.94
C PHE B 290 -10.54 -9.58 11.27
N GLU B 291 -11.44 -10.30 10.63
CA GLU B 291 -11.10 -11.53 9.95
C GLU B 291 -12.01 -11.75 8.76
N MET B 292 -11.52 -12.50 7.79
CA MET B 292 -12.33 -12.93 6.65
C MET B 292 -12.59 -14.42 6.74
N ILE B 293 -13.85 -14.81 6.62
CA ILE B 293 -14.23 -16.21 6.71
C ILE B 293 -14.95 -16.66 5.45
N TRP B 294 -14.50 -17.76 4.87
CA TRP B 294 -15.20 -18.37 3.76
C TRP B 294 -16.06 -19.51 4.28
N ASP B 295 -17.36 -19.38 4.10
CA ASP B 295 -18.30 -20.41 4.51
C ASP B 295 -19.07 -20.87 3.28
N PRO B 296 -18.76 -22.07 2.75
CA PRO B 296 -19.28 -22.49 1.45
C PRO B 296 -20.80 -22.70 1.38
N ASN B 297 -21.49 -22.79 2.51
CA ASN B 297 -22.95 -22.84 2.46
C ASN B 297 -23.56 -21.80 3.40
N GLY B 298 -22.78 -20.78 3.74
CA GLY B 298 -23.18 -19.81 4.74
C GLY B 298 -24.29 -18.84 4.37
N TRP B 299 -24.54 -18.67 3.08
CA TRP B 299 -25.61 -17.76 2.67
C TRP B 299 -26.96 -18.36 3.03
N THR B 300 -27.10 -19.66 2.81
CA THR B 300 -28.40 -20.32 2.92
C THR B 300 -28.47 -21.38 4.02
N GLY B 301 -27.32 -21.76 4.57
CA GLY B 301 -27.27 -22.80 5.59
C GLY B 301 -26.99 -22.24 6.97
N THR B 302 -27.56 -22.86 8.00
CA THR B 302 -27.51 -22.31 9.34
C THR B 302 -26.42 -22.87 10.27
N ASP B 303 -25.65 -23.84 9.78
CA ASP B 303 -24.63 -24.44 10.64
C ASP B 303 -23.50 -23.43 10.93
N ASN B 304 -22.67 -23.74 11.91
CA ASN B 304 -21.56 -22.86 12.27
C ASN B 304 -20.20 -23.41 11.84
N ASN B 305 -20.21 -24.21 10.77
CA ASN B 305 -18.99 -24.71 10.19
C ASN B 305 -18.52 -23.78 9.07
N PHE B 306 -17.21 -23.66 8.90
CA PHE B 306 -16.67 -22.84 7.82
C PHE B 306 -15.35 -23.45 7.35
N SER B 307 -14.83 -22.98 6.22
CA SER B 307 -13.70 -23.64 5.56
C SER B 307 -12.39 -22.88 5.63
N ILE B 308 -12.45 -21.56 5.53
CA ILE B 308 -11.25 -20.73 5.54
C ILE B 308 -11.41 -19.56 6.50
N LYS B 309 -10.36 -19.29 7.28
CA LYS B 309 -10.30 -18.05 8.03
C LYS B 309 -8.98 -17.35 7.81
N GLN B 310 -9.04 -16.06 7.49
CA GLN B 310 -7.84 -15.26 7.30
C GLN B 310 -7.83 -14.07 8.25
N ASP B 311 -6.78 -13.95 9.06
CA ASP B 311 -6.65 -12.85 9.99
C ASP B 311 -6.32 -11.54 9.28
N ILE B 312 -6.94 -10.45 9.74
CA ILE B 312 -6.74 -9.13 9.14
C ILE B 312 -6.26 -8.12 10.20
N VAL B 313 -6.94 -8.10 11.34
CA VAL B 313 -6.54 -7.28 12.49
C VAL B 313 -6.67 -8.12 13.75
N GLY B 314 -5.65 -8.08 14.61
CA GLY B 314 -5.65 -8.88 15.83
C GLY B 314 -6.75 -8.51 16.79
N ILE B 315 -7.19 -9.48 17.60
CA ILE B 315 -8.32 -9.28 18.49
C ILE B 315 -8.08 -8.20 19.56
N ASN B 316 -6.82 -7.95 19.88
CA ASN B 316 -6.48 -6.92 20.86
C ASN B 316 -6.31 -5.54 20.24
N GLU B 317 -6.66 -5.40 18.97
CA GLU B 317 -6.53 -4.13 18.25
C GLU B 317 -7.89 -3.60 17.85
N TRP B 318 -8.00 -2.27 17.76
CA TRP B 318 -9.26 -1.65 17.37
C TRP B 318 -9.58 -1.82 15.90
N SER B 319 -10.84 -2.12 15.60
CA SER B 319 -11.31 -2.08 14.23
C SER B 319 -12.47 -1.09 14.14
N GLY B 320 -13.53 -1.45 13.43
CA GLY B 320 -14.64 -0.53 13.24
C GLY B 320 -15.47 -0.93 12.03
N TYR B 321 -15.93 0.07 11.30
CA TYR B 321 -16.71 -0.17 10.09
C TYR B 321 -15.91 -0.95 9.07
N SER B 322 -16.62 -1.67 8.21
CA SER B 322 -16.00 -2.28 7.04
C SER B 322 -17.00 -2.26 5.90
N GLY B 323 -16.51 -2.32 4.67
CA GLY B 323 -17.38 -2.27 3.52
C GLY B 323 -16.74 -2.87 2.29
N SER B 324 -17.59 -3.27 1.35
CA SER B 324 -17.13 -3.78 0.08
C SER B 324 -16.77 -2.63 -0.86
N PHE B 325 -15.82 -2.88 -1.75
CA PHE B 325 -15.70 -2.12 -2.99
C PHE B 325 -15.27 -3.05 -4.10
N VAL B 326 -15.63 -2.72 -5.33
CA VAL B 326 -15.27 -3.60 -6.44
C VAL B 326 -14.37 -2.90 -7.44
N GLN B 327 -13.65 -3.70 -8.22
CA GLN B 327 -12.91 -3.18 -9.34
C GLN B 327 -13.45 -3.85 -10.59
N HIS B 328 -13.98 -3.04 -11.50
CA HIS B 328 -14.62 -3.52 -12.72
C HIS B 328 -13.57 -3.90 -13.76
N PRO B 329 -13.95 -4.77 -14.70
CA PRO B 329 -13.08 -5.14 -15.83
C PRO B 329 -12.52 -3.93 -16.56
N GLU B 330 -13.29 -2.84 -16.61
CA GLU B 330 -12.86 -1.64 -17.31
C GLU B 330 -11.63 -1.03 -16.66
N LEU B 331 -11.41 -1.35 -15.39
CA LEU B 331 -10.25 -0.86 -14.66
C LEU B 331 -9.12 -1.89 -14.65
N THR B 332 -9.49 -3.17 -14.50
CA THR B 332 -8.50 -4.23 -14.27
C THR B 332 -8.06 -4.99 -15.53
N GLY B 333 -8.93 -5.06 -16.53
CA GLY B 333 -8.66 -5.88 -17.70
C GLY B 333 -9.04 -7.35 -17.49
N LEU B 334 -9.62 -7.65 -16.33
CA LEU B 334 -10.09 -9.00 -16.03
C LEU B 334 -11.45 -9.25 -16.69
N ASP B 335 -11.91 -10.49 -16.65
CA ASP B 335 -13.20 -10.84 -17.25
C ASP B 335 -14.27 -11.05 -16.18
N CYS B 336 -14.04 -10.46 -15.01
CA CYS B 336 -14.99 -10.55 -13.91
C CYS B 336 -14.85 -9.32 -13.02
N ILE B 337 -15.83 -9.11 -12.15
CA ILE B 337 -15.80 -7.99 -11.21
C ILE B 337 -15.05 -8.41 -9.96
N ARG B 338 -13.96 -7.71 -9.65
CA ARG B 338 -13.10 -8.11 -8.54
C ARG B 338 -13.58 -7.57 -7.19
N PRO B 339 -13.76 -8.45 -6.21
CA PRO B 339 -14.16 -8.00 -4.87
C PRO B 339 -12.96 -7.52 -4.06
N CYS B 340 -13.13 -6.36 -3.42
CA CYS B 340 -12.17 -5.84 -2.46
C CYS B 340 -12.94 -5.40 -1.22
N PHE B 341 -12.23 -5.07 -0.15
CA PHE B 341 -12.88 -4.52 1.02
C PHE B 341 -11.96 -3.61 1.81
N TRP B 342 -12.56 -2.72 2.59
CA TRP B 342 -11.80 -1.84 3.47
C TRP B 342 -12.27 -2.02 4.90
N VAL B 343 -11.40 -1.64 5.84
CA VAL B 343 -11.73 -1.66 7.25
C VAL B 343 -11.33 -0.33 7.87
N GLU B 344 -12.26 0.25 8.64
CA GLU B 344 -12.00 1.46 9.40
C GLU B 344 -11.44 1.05 10.76
N LEU B 345 -10.33 1.67 11.15
CA LEU B 345 -9.73 1.40 12.44
C LEU B 345 -9.96 2.61 13.34
N ILE B 346 -10.95 2.48 14.23
CA ILE B 346 -11.42 3.61 15.02
C ILE B 346 -10.59 3.80 16.29
N ARG B 347 -10.10 5.03 16.49
CA ARG B 347 -9.36 5.39 17.68
C ARG B 347 -10.05 6.50 18.46
N GLY B 348 -9.86 6.51 19.77
CA GLY B 348 -10.42 7.56 20.61
C GLY B 348 -11.67 7.13 21.34
N ARG B 349 -12.61 8.05 21.50
CA ARG B 349 -13.84 7.76 22.23
C ARG B 349 -14.74 6.80 21.46
N PRO B 350 -15.53 5.98 22.17
CA PRO B 350 -15.67 6.00 23.63
C PRO B 350 -14.68 5.13 24.42
N LYS B 351 -13.92 4.27 23.75
CA LYS B 351 -13.09 3.29 24.45
C LYS B 351 -11.80 3.84 24.99
N GLU B 352 -11.36 4.94 24.42
CA GLU B 352 -10.07 5.48 24.81
C GLU B 352 -10.25 6.87 25.40
N ASN B 353 -9.39 7.22 26.33
CA ASN B 353 -9.53 8.45 27.08
C ASN B 353 -8.96 9.68 26.36
N THR B 354 -9.64 10.06 25.28
CA THR B 354 -9.26 11.21 24.47
C THR B 354 -10.44 12.16 24.38
N ILE B 355 -10.23 13.34 23.81
CA ILE B 355 -11.33 14.26 23.60
C ILE B 355 -11.97 14.02 22.24
N TRP B 356 -11.34 13.18 21.44
CA TRP B 356 -11.69 13.01 20.02
C TRP B 356 -11.93 11.57 19.62
N THR B 357 -12.51 11.40 18.43
CA THR B 357 -12.67 10.10 17.79
C THR B 357 -12.29 10.25 16.32
N SER B 358 -11.47 9.34 15.82
CA SER B 358 -11.08 9.38 14.42
C SER B 358 -10.63 8.00 13.98
N GLY B 359 -10.55 7.79 12.66
CA GLY B 359 -10.15 6.49 12.16
C GLY B 359 -9.07 6.54 11.10
N SER B 360 -8.36 5.43 10.96
CA SER B 360 -7.51 5.22 9.80
C SER B 360 -8.12 4.07 9.02
N SER B 361 -7.46 3.64 7.95
CA SER B 361 -8.03 2.56 7.14
C SER B 361 -7.00 1.62 6.56
N ILE B 362 -7.47 0.40 6.28
CA ILE B 362 -6.71 -0.57 5.50
C ILE B 362 -7.67 -1.14 4.46
N SER B 363 -7.12 -1.66 3.37
CA SER B 363 -7.96 -2.33 2.37
C SER B 363 -7.24 -3.52 1.76
N PHE B 364 -8.03 -4.42 1.18
CA PHE B 364 -7.55 -5.68 0.62
C PHE B 364 -8.33 -5.99 -0.64
N CYS B 365 -7.71 -6.70 -1.57
CA CYS B 365 -8.42 -7.18 -2.75
C CYS B 365 -8.31 -8.70 -2.87
N GLY B 366 -9.38 -9.31 -3.38
CA GLY B 366 -9.44 -10.75 -3.51
C GLY B 366 -8.58 -11.27 -4.62
N VAL B 367 -7.87 -12.37 -4.37
CA VAL B 367 -7.03 -13.00 -5.37
C VAL B 367 -7.11 -14.52 -5.27
N ASN B 368 -6.58 -15.20 -6.26
CA ASN B 368 -6.50 -16.67 -6.20
C ASN B 368 -5.07 -17.17 -6.09
N SER B 369 -4.14 -16.22 -6.00
CA SER B 369 -2.76 -16.56 -5.71
C SER B 369 -2.56 -16.59 -4.19
N ASP B 370 -1.34 -16.90 -3.75
CA ASP B 370 -1.09 -17.09 -2.32
C ASP B 370 -1.26 -15.81 -1.49
N THR B 371 -1.82 -15.97 -0.30
CA THR B 371 -2.01 -14.86 0.63
C THR B 371 -1.62 -15.29 2.04
N VAL B 372 -1.72 -14.36 2.98
CA VAL B 372 -1.36 -14.66 4.36
C VAL B 372 -2.16 -13.80 5.33
N GLY B 373 -2.51 -14.37 6.47
CA GLY B 373 -3.16 -13.61 7.52
C GLY B 373 -2.12 -12.90 8.36
N TRP B 374 -2.51 -11.76 8.94
CA TRP B 374 -1.64 -11.03 9.85
C TRP B 374 -2.50 -10.04 10.61
N SER B 375 -1.86 -9.06 11.23
CA SER B 375 -2.58 -7.95 11.83
C SER B 375 -1.97 -6.65 11.32
N TRP B 376 -2.78 -5.82 10.69
CA TRP B 376 -2.34 -4.50 10.24
C TRP B 376 -3.19 -3.45 10.95
N PRO B 377 -2.88 -3.19 12.23
CA PRO B 377 -3.73 -2.31 13.05
C PRO B 377 -3.38 -0.84 12.85
N ASP B 378 -4.11 0.03 13.56
CA ASP B 378 -3.92 1.46 13.41
C ASP B 378 -2.53 1.92 13.80
N GLY B 379 -2.09 1.51 14.99
CA GLY B 379 -0.72 1.75 15.41
C GLY B 379 -0.42 3.07 16.09
N ALA B 380 -1.43 3.92 16.27
CA ALA B 380 -1.21 5.19 16.95
C ALA B 380 -1.09 4.98 18.45
N GLU B 381 -0.32 5.85 19.08
CA GLU B 381 -0.17 5.79 20.51
C GLU B 381 -1.00 6.90 21.17
N LEU B 382 -2.03 6.49 21.90
CA LEU B 382 -2.91 7.44 22.57
C LEU B 382 -2.63 7.48 24.07
N PRO B 383 -2.97 8.60 24.73
CA PRO B 383 -3.59 9.80 24.14
C PRO B 383 -2.59 10.65 23.38
N PHE B 384 -3.10 11.70 22.74
CA PHE B 384 -2.28 12.65 22.01
C PHE B 384 -2.02 13.88 22.87
N THR B 385 -1.20 14.80 22.37
CA THR B 385 -0.82 15.96 23.15
C THR B 385 -2.03 16.86 23.50
N ILE B 386 -3.04 16.87 22.63
CA ILE B 386 -4.20 17.72 22.86
C ILE B 386 -5.09 17.17 23.97
N ASP B 387 -4.87 15.92 24.34
CA ASP B 387 -5.75 15.28 25.31
C ASP B 387 -5.34 15.54 26.75
C1 NAG C . 10.34 6.53 23.03
C2 NAG C . 9.85 7.64 23.96
C3 NAG C . 10.64 7.72 25.27
C4 NAG C . 10.80 6.34 25.89
C5 NAG C . 11.37 5.38 24.86
C6 NAG C . 11.41 3.96 25.43
C7 NAG C . 8.82 9.57 22.92
C8 NAG C . 9.00 10.90 22.26
N2 NAG C . 9.93 8.94 23.32
O3 NAG C . 9.96 8.59 26.17
O4 NAG C . 11.65 6.43 27.02
O5 NAG C . 10.55 5.32 23.73
O6 NAG C . 10.09 3.54 25.62
O7 NAG C . 7.70 9.10 23.07
C1 NAG C . 11.01 5.79 28.14
C2 NAG C . 12.05 5.42 29.19
C3 NAG C . 11.41 4.78 30.43
C4 NAG C . 10.08 5.40 30.82
C5 NAG C . 9.24 5.81 29.62
C6 NAG C . 8.03 6.64 30.06
C7 NAG C . 14.23 4.89 28.23
C8 NAG C . 15.12 3.83 27.67
N2 NAG C . 13.02 4.49 28.62
O3 NAG C . 12.31 4.89 31.51
O4 NAG C . 9.34 4.45 31.54
O5 NAG C . 10.00 6.58 28.73
O6 NAG C . 8.47 7.88 30.52
O7 NAG C . 14.61 6.05 28.32
C1 BMA C . 9.48 4.63 32.96
C2 BMA C . 8.26 3.95 33.58
C3 BMA C . 8.30 3.99 35.10
C4 BMA C . 9.65 3.53 35.62
C5 BMA C . 10.79 4.20 34.87
C6 BMA C . 12.12 3.60 35.29
O2 BMA C . 8.26 2.61 33.16
O3 BMA C . 7.29 3.10 35.53
O4 BMA C . 9.74 3.82 36.99
O5 BMA C . 10.64 4.01 33.47
O6 BMA C . 13.16 4.23 34.58
C1 MAN C . 6.52 3.69 36.59
C2 MAN C . 5.91 2.55 37.40
C3 MAN C . 4.99 1.76 36.49
C4 MAN C . 3.91 2.70 35.94
C5 MAN C . 4.59 3.87 35.23
C6 MAN C . 3.56 4.87 34.70
O2 MAN C . 5.22 3.08 38.51
O3 MAN C . 4.42 0.66 37.16
O4 MAN C . 3.08 2.00 35.03
O5 MAN C . 5.47 4.52 36.11
O6 MAN C . 3.02 5.63 35.77
C1 NAG D . 16.74 -2.26 -30.39
C2 NAG D . 17.37 -2.53 -31.75
C3 NAG D . 16.56 -2.04 -32.96
C4 NAG D . 15.05 -2.01 -32.72
C5 NAG D . 14.75 -1.49 -31.33
C6 NAG D . 13.25 -1.40 -31.09
C7 NAG D . 19.80 -2.59 -32.02
C8 NAG D . 21.07 -1.81 -32.03
N2 NAG D . 18.68 -1.91 -31.79
O3 NAG D . 16.83 -2.90 -34.05
O4 NAG D . 14.43 -1.17 -33.66
O5 NAG D . 15.34 -2.37 -30.40
O6 NAG D . 12.65 -2.63 -31.44
O7 NAG D . 19.81 -3.81 -32.23
CA CA E . 29.34 -8.93 3.72
CA CA F . 42.41 -3.49 -10.62
CA CA G . 2.86 22.41 10.95
C2 LVO H . 19.04 -3.80 6.52
C3 LVO H . 17.77 -3.06 6.37
C4 LVO H . 16.55 -3.88 5.91
C5 LVO H . 16.70 -5.40 6.13
C6 LVO H . 18.16 -5.91 5.96
O6 LVO H . 19.07 -5.13 6.64
C1 LVO H . 20.24 -3.07 7.02
O1B LVO H . 20.09 -1.78 7.35
O1A LVO H . 21.24 -3.64 7.02
C7 LVO H . 18.28 -7.34 6.37
C8 LVO H . 19.72 -7.70 6.22
C9 LVO H . 19.94 -9.04 6.91
O9 LVO H . 21.13 -9.15 7.63
CAN LVO H . 21.29 -8.73 8.83
OAV LVO H . 20.62 -9.12 9.79
O7 LVO H . 17.90 -7.46 7.68
C13 LVO H . 17.24 -8.62 7.91
O8 LVO H . 20.12 -7.71 4.93
N4 LVO H . 15.24 -3.34 6.24
C12 LVO H . 14.10 -3.41 5.43
N13 LVO H . 12.98 -3.04 5.98
N12 LVO H . 14.21 -3.64 4.18
C10 LVO H . 14.55 -6.56 6.05
C11 LVO H . 13.64 -7.18 5.05
O10 LVO H . 14.29 -6.50 7.15
N5 LVO H . 15.76 -6.19 5.44
C ACT I . 23.10 5.62 11.76
O ACT I . 23.57 4.73 12.51
OXT ACT I . 22.18 5.25 11.00
CH3 ACT I . 23.60 7.04 11.79
C ACT J . 36.08 13.07 -11.17
O ACT J . 36.00 14.20 -11.70
OXT ACT J . 35.63 12.12 -11.85
CH3 ACT J . 36.67 12.87 -9.81
C1 NAG K . -14.30 20.06 24.96
C2 NAG K . -13.25 20.96 25.63
C3 NAG K . -13.73 21.50 26.98
C4 NAG K . -15.19 21.95 26.93
C5 NAG K . -16.07 20.94 26.24
C6 NAG K . -17.48 21.46 26.01
C7 NAG K . -10.87 20.60 25.20
C8 NAG K . -9.65 19.79 25.52
N2 NAG K . -11.98 20.26 25.83
O3 NAG K . -12.93 22.59 27.36
O4 NAG K . -15.68 22.08 28.24
O5 NAG K . -15.55 20.69 24.98
O6 NAG K . -17.43 22.81 25.57
O7 NAG K . -10.81 21.53 24.39
C1 NAG L . -21.33 -7.46 -21.13
C2 NAG L . -21.59 -8.60 -22.12
C3 NAG L . -21.04 -8.34 -23.53
C4 NAG L . -21.17 -6.89 -23.96
C5 NAG L . -20.68 -5.99 -22.84
C6 NAG L . -20.66 -4.53 -23.26
C7 NAG L . -21.64 -10.96 -21.48
C8 NAG L . -20.85 -12.12 -20.92
N2 NAG L . -20.97 -9.81 -21.60
O3 NAG L . -21.73 -9.16 -24.45
O4 NAG L . -20.41 -6.66 -25.12
O5 NAG L . -21.53 -6.18 -21.73
O6 NAG L . -21.92 -4.14 -23.77
O7 NAG L . -22.81 -11.11 -21.81
CA CA M . -27.38 -5.98 15.25
CA CA N . -21.41 -23.40 7.02
C2 LVO O . -22.64 4.88 13.87
C3 LVO O . -21.99 5.83 12.95
C4 LVO O . -22.87 6.88 12.22
C5 LVO O . -24.36 6.75 12.59
C6 LVO O . -24.80 5.32 12.98
O6 LVO O . -23.98 4.72 13.92
C1 LVO O . -21.86 3.95 14.72
O1B LVO O . -20.54 4.15 14.73
O1A LVO O . -22.39 2.98 15.07
C7 LVO O . -26.22 5.23 13.44
C8 LVO O . -26.56 3.80 13.72
C9 LVO O . -27.91 3.81 14.41
O9 LVO O . -27.96 4.37 15.65
CAN LVO O . -27.50 3.73 16.64
OAV LVO O . -27.71 4.24 17.74
O7 LVO O . -26.35 5.99 14.52
C13 LVO O . -27.47 6.73 14.50
O8 LVO O . -26.64 3.12 12.54
N4 LVO O . -22.37 8.20 12.04
C12 LVO O . -22.45 8.94 10.83
N13 LVO O . -22.17 10.20 10.92
N12 LVO O . -22.69 8.34 9.71
C10 LVO O . -25.67 8.61 11.68
C11 LVO O . -26.31 9.09 10.43
O10 LVO O . -25.53 9.31 12.56
N5 LVO O . -25.19 7.32 11.58
C ACT P . -13.19 3.60 20.08
O ACT P . -14.10 3.30 20.87
OXT ACT P . -13.50 4.46 19.23
CH3 ACT P . -11.82 2.97 20.14
C ACT Q . -5.09 3.30 -8.94
O ACT Q . -4.16 3.62 -9.71
OXT ACT Q . -5.53 2.14 -9.08
CH3 ACT Q . -5.62 4.25 -7.91
C1 GOL R . -16.37 19.91 -10.50
O1 GOL R . -16.50 20.19 -11.88
C2 GOL R . -17.04 21.04 -9.72
O2 GOL R . -18.00 21.66 -10.53
C3 GOL R . -15.96 22.06 -9.35
O3 GOL R . -16.23 22.59 -8.07
C1 GOL S . -13.72 -19.91 -1.97
O1 GOL S . -12.34 -19.76 -1.76
C2 GOL S . -13.97 -20.12 -3.46
O2 GOL S . -12.78 -19.83 -4.15
C3 GOL S . -15.06 -19.16 -3.92
O3 GOL S . -15.72 -19.70 -5.05
C ACT T . -28.33 -0.03 -22.37
O ACT T . -28.78 0.84 -21.60
OXT ACT T . -27.12 0.03 -22.62
CH3 ACT T . -29.22 -1.09 -22.98
#